data_8RZ1
#
_entry.id   8RZ1
#
_cell.length_a   111.830
_cell.length_b   111.830
_cell.length_c   91.570
_cell.angle_alpha   90.000
_cell.angle_beta   90.000
_cell.angle_gamma   120.000
#
_symmetry.space_group_name_H-M   'P 61'
#
loop_
_entity.id
_entity.type
_entity.pdbx_description
1 polymer 'R5.034 scFv'
2 polymer RH5-34EM
3 water water
#
loop_
_entity_poly.entity_id
_entity_poly.type
_entity_poly.pdbx_seq_one_letter_code
_entity_poly.pdbx_strand_id
1 'polypeptide(L)'
;MGILPSPGMPALLSLVSLLSVLLMGCVAETGEVQLVESGGGLVQPGGSLRLSCAASGFTFNTYWMSWVRQAPGKGLEWVA
NIQQDGSEKDYLNSVRGRFTISRDNAKKSLYLQMNSLRAEDTAVYYCARDNPASAVAFDVWGQGAMVTVSSGGGGSGGGG
SGGGGSQSALTQPPSVSEAPRRRVTIYCSGSSSNIGNNAVSWYQQLPGKSPKLLIYFDDLVTSGVSDRFSGSKSGTSASL
AISGLQSEDEADYYCAAWDDRLNGVVFGGGTKLTVLGTKHHHHHH
;
A,C
2 'polypeptide(L)'
;GGSGSYQDVCRKAKEKLDKIEMDAKNYETNLKEQANNADKTEEYRKKKKIAIEAFLKKIEEAADKVAREAKQRLDELEKK
NQVDKEELEKCKEEVEKRARELRRRIREILERAKKWLDQ
;
B,D
#
# COMPACT_ATOMS: atom_id res chain seq x y z
N GLU A 32 -9.34 8.51 2.10
CA GLU A 32 -8.49 9.34 1.24
C GLU A 32 -8.13 8.57 -0.04
N VAL A 33 -8.48 9.09 -1.23
CA VAL A 33 -8.17 8.35 -2.47
C VAL A 33 -6.70 8.49 -2.74
N GLN A 34 -5.96 7.37 -2.69
CA GLN A 34 -4.51 7.44 -2.82
C GLN A 34 -3.93 6.28 -3.59
N LEU A 35 -2.81 6.51 -4.30
CA LEU A 35 -2.13 5.46 -5.04
C LEU A 35 -0.65 5.59 -4.70
N VAL A 36 -0.04 4.52 -4.20
CA VAL A 36 1.36 4.57 -3.79
C VAL A 36 2.16 3.53 -4.53
N GLU A 37 3.08 3.98 -5.37
CA GLU A 37 3.93 3.05 -6.11
C GLU A 37 5.17 2.70 -5.33
N SER A 38 5.67 1.50 -5.56
CA SER A 38 6.93 1.08 -4.99
C SER A 38 7.62 0.11 -5.97
N GLY A 39 8.86 -0.24 -5.68
CA GLY A 39 9.58 -1.19 -6.53
C GLY A 39 10.50 -0.57 -7.55
N GLY A 40 10.68 0.74 -7.51
CA GLY A 40 11.55 1.44 -8.43
C GLY A 40 13.00 1.05 -8.20
N GLY A 41 13.82 1.30 -9.21
CA GLY A 41 15.24 0.98 -9.11
C GLY A 41 16.03 1.07 -10.39
N LEU A 42 17.30 0.68 -10.28
CA LEU A 42 18.26 0.69 -11.38
C LEU A 42 18.39 -0.76 -11.87
N VAL A 43 18.23 -0.96 -13.17
CA VAL A 43 18.24 -2.26 -13.83
C VAL A 43 19.12 -2.18 -15.06
N GLN A 44 19.72 -3.28 -15.46
CA GLN A 44 20.55 -3.33 -16.66
C GLN A 44 19.66 -3.49 -17.90
N PRO A 45 20.09 -3.03 -19.10
CA PRO A 45 19.31 -3.31 -20.32
C PRO A 45 19.14 -4.81 -20.53
N GLY A 46 17.95 -5.22 -20.93
CA GLY A 46 17.64 -6.64 -21.05
C GLY A 46 17.08 -7.25 -19.76
N GLY A 47 17.22 -6.51 -18.65
CA GLY A 47 16.75 -6.94 -17.34
C GLY A 47 15.25 -6.85 -17.17
N SER A 48 14.79 -7.22 -15.96
CA SER A 48 13.40 -7.22 -15.55
C SER A 48 13.23 -6.47 -14.23
N LEU A 49 12.06 -5.87 -14.04
CA LEU A 49 11.74 -5.14 -12.82
C LEU A 49 10.24 -5.20 -12.63
N ARG A 50 9.78 -5.33 -11.39
CA ARG A 50 8.35 -5.37 -11.12
C ARG A 50 7.93 -4.19 -10.27
N LEU A 51 7.02 -3.35 -10.79
CA LEU A 51 6.52 -2.23 -10.00
C LEU A 51 5.21 -2.65 -9.36
N SER A 52 4.93 -2.08 -8.19
CA SER A 52 3.66 -2.32 -7.52
C SER A 52 3.00 -1.00 -7.18
N CYS A 53 1.69 -1.00 -7.01
CA CYS A 53 0.98 0.20 -6.64
C CYS A 53 -0.10 -0.21 -5.65
N ALA A 54 -0.06 0.35 -4.44
CA ALA A 54 -1.02 0.10 -3.37
C ALA A 54 -2.11 1.17 -3.43
N ALA A 55 -3.35 0.75 -3.60
CA ALA A 55 -4.47 1.67 -3.68
C ALA A 55 -5.25 1.68 -2.37
N SER A 56 -5.78 2.84 -1.99
CA SER A 56 -6.62 2.93 -0.81
C SER A 56 -7.63 4.07 -0.97
N GLY A 57 -8.68 4.04 -0.15
CA GLY A 57 -9.68 5.12 -0.15
C GLY A 57 -10.79 4.99 -1.18
N PHE A 58 -10.81 3.89 -1.93
CA PHE A 58 -11.86 3.65 -2.94
C PHE A 58 -12.03 2.16 -3.20
N THR A 59 -13.14 1.78 -3.86
CA THR A 59 -13.39 0.38 -4.17
C THR A 59 -12.56 0.03 -5.41
N PHE A 60 -11.29 -0.32 -5.18
CA PHE A 60 -10.34 -0.67 -6.23
C PHE A 60 -10.91 -1.67 -7.26
N ASN A 61 -11.66 -2.69 -6.77
CA ASN A 61 -12.23 -3.72 -7.64
C ASN A 61 -13.31 -3.23 -8.61
N THR A 62 -13.78 -1.96 -8.51
CA THR A 62 -14.78 -1.47 -9.45
C THR A 62 -14.18 -0.51 -10.51
N TYR A 63 -12.86 -0.29 -10.51
CA TYR A 63 -12.23 0.65 -11.45
C TYR A 63 -11.23 0.03 -12.35
N TRP A 64 -11.14 0.55 -13.59
CA TRP A 64 -10.03 0.30 -14.49
C TRP A 64 -8.81 1.02 -13.88
N MET A 65 -7.60 0.47 -14.08
CA MET A 65 -6.37 1.08 -13.54
C MET A 65 -5.35 1.19 -14.64
N SER A 66 -4.36 2.08 -14.48
CA SER A 66 -3.43 2.34 -15.57
C SER A 66 -2.02 2.65 -15.10
N TRP A 67 -1.06 2.57 -16.03
CA TRP A 67 0.28 3.07 -15.79
C TRP A 67 0.55 4.12 -16.90
N VAL A 68 1.18 5.24 -16.50
CA VAL A 68 1.60 6.30 -17.42
C VAL A 68 3.04 6.61 -17.00
N ARG A 69 3.94 6.86 -17.95
CA ARG A 69 5.34 7.16 -17.57
C ARG A 69 5.80 8.50 -18.09
N GLN A 70 6.96 8.93 -17.57
CA GLN A 70 7.54 10.22 -17.97
C GLN A 70 9.03 10.10 -17.89
N ALA A 71 9.69 10.09 -19.04
CA ALA A 71 11.17 10.06 -19.05
C ALA A 71 11.70 11.40 -18.47
N PRO A 72 12.92 11.43 -17.90
CA PRO A 72 13.40 12.68 -17.27
C PRO A 72 13.42 13.86 -18.24
N GLY A 73 12.78 14.96 -17.81
CA GLY A 73 12.65 16.18 -18.59
C GLY A 73 11.81 16.05 -19.86
N LYS A 74 11.04 14.96 -20.00
CA LYS A 74 10.23 14.74 -21.19
C LYS A 74 8.71 14.74 -20.88
N GLY A 75 7.90 14.50 -21.90
CA GLY A 75 6.45 14.51 -21.73
C GLY A 75 5.89 13.20 -21.23
N LEU A 76 4.57 13.18 -21.04
CA LEU A 76 3.87 11.98 -20.59
C LEU A 76 3.68 10.99 -21.74
N GLU A 77 3.74 9.71 -21.38
CA GLU A 77 3.51 8.66 -22.35
C GLU A 77 2.76 7.54 -21.65
N TRP A 78 1.56 7.25 -22.12
CA TRP A 78 0.75 6.19 -21.54
C TRP A 78 1.40 4.79 -21.75
N VAL A 79 1.24 3.88 -20.78
CA VAL A 79 1.86 2.55 -20.88
C VAL A 79 0.81 1.46 -21.01
N ALA A 80 -0.17 1.41 -20.08
CA ALA A 80 -1.13 0.30 -20.10
C ALA A 80 -2.38 0.61 -19.28
N ASN A 81 -3.49 -0.09 -19.55
CA ASN A 81 -4.74 -0.09 -18.79
C ASN A 81 -5.13 -1.55 -18.52
N ILE A 82 -5.89 -1.75 -17.46
CA ILE A 82 -6.42 -3.05 -17.10
C ILE A 82 -7.81 -2.87 -16.52
N GLN A 83 -8.73 -3.69 -17.00
CA GLN A 83 -10.12 -3.72 -16.58
C GLN A 83 -10.22 -4.22 -15.12
N GLN A 84 -11.35 -3.96 -14.45
CA GLN A 84 -11.66 -4.28 -13.06
C GLN A 84 -11.15 -5.64 -12.60
N ASP A 85 -11.40 -6.68 -13.40
CA ASP A 85 -11.02 -8.02 -13.03
C ASP A 85 -9.95 -8.64 -13.94
N GLY A 86 -9.32 -7.84 -14.81
CA GLY A 86 -8.28 -8.35 -15.70
C GLY A 86 -8.78 -8.99 -16.98
N SER A 87 -10.03 -8.78 -17.31
CA SER A 87 -10.67 -9.28 -18.54
C SER A 87 -10.18 -8.62 -19.81
N GLU A 88 -9.64 -7.41 -19.70
CA GLU A 88 -9.09 -6.68 -20.85
C GLU A 88 -7.83 -5.98 -20.39
N LYS A 89 -6.88 -5.87 -21.29
CA LYS A 89 -5.65 -5.12 -21.06
C LYS A 89 -5.37 -4.33 -22.32
N ASP A 90 -4.90 -3.10 -22.14
CA ASP A 90 -4.54 -2.24 -23.27
C ASP A 90 -3.06 -1.91 -23.09
N TYR A 91 -2.28 -1.82 -24.19
CA TYR A 91 -0.85 -1.52 -24.04
C TYR A 91 -0.38 -0.52 -25.09
N LEU A 92 0.67 0.24 -24.71
CA LEU A 92 1.46 1.07 -25.62
C LEU A 92 2.17 0.08 -26.57
N ASN A 93 2.11 0.30 -27.89
CA ASN A 93 2.66 -0.67 -28.85
C ASN A 93 4.11 -1.07 -28.58
N SER A 94 4.96 -0.11 -28.23
CA SER A 94 6.38 -0.37 -28.00
C SER A 94 6.67 -1.22 -26.76
N VAL A 95 5.69 -1.44 -25.87
CA VAL A 95 5.91 -2.32 -24.70
C VAL A 95 5.25 -3.71 -24.84
N ARG A 96 4.53 -3.93 -25.96
CA ARG A 96 3.90 -5.23 -26.19
C ARG A 96 4.97 -6.31 -26.32
N GLY A 97 4.74 -7.46 -25.70
CA GLY A 97 5.69 -8.56 -25.69
C GLY A 97 6.78 -8.36 -24.64
N ARG A 98 6.79 -7.21 -23.92
CA ARG A 98 7.81 -6.93 -22.92
C ARG A 98 7.18 -6.69 -21.56
N PHE A 99 6.10 -5.90 -21.52
CA PHE A 99 5.48 -5.54 -20.25
C PHE A 99 4.15 -6.30 -20.04
N THR A 100 3.80 -6.52 -18.78
CA THR A 100 2.55 -7.12 -18.43
C THR A 100 1.90 -6.36 -17.29
N ILE A 101 0.68 -5.87 -17.50
CA ILE A 101 -0.05 -5.21 -16.42
C ILE A 101 -0.91 -6.30 -15.76
N SER A 102 -1.03 -6.22 -14.44
CA SER A 102 -1.85 -7.20 -13.70
C SER A 102 -2.34 -6.54 -12.44
N ARG A 103 -3.29 -7.17 -11.76
CA ARG A 103 -3.82 -6.62 -10.52
C ARG A 103 -4.24 -7.73 -9.56
N ASP A 104 -4.30 -7.41 -8.27
CA ASP A 104 -4.77 -8.38 -7.26
C ASP A 104 -5.76 -7.57 -6.42
N ASN A 105 -7.04 -7.74 -6.67
CA ASN A 105 -8.07 -6.96 -6.01
C ASN A 105 -8.16 -7.19 -4.50
N ALA A 106 -7.74 -8.36 -4.02
CA ALA A 106 -7.72 -8.67 -2.57
C ALA A 106 -6.65 -7.82 -1.90
N LYS A 107 -5.51 -7.60 -2.58
CA LYS A 107 -4.45 -6.79 -2.00
C LYS A 107 -4.56 -5.30 -2.43
N LYS A 108 -5.62 -4.91 -3.21
CA LYS A 108 -5.82 -3.55 -3.72
C LYS A 108 -4.54 -3.09 -4.40
N SER A 109 -3.94 -3.96 -5.22
CA SER A 109 -2.65 -3.69 -5.83
C SER A 109 -2.69 -3.81 -7.32
N LEU A 110 -1.97 -2.89 -7.95
CA LEU A 110 -1.79 -2.90 -9.40
C LEU A 110 -0.31 -3.20 -9.62
N TYR A 111 0.03 -4.00 -10.62
CA TYR A 111 1.43 -4.32 -10.90
C TYR A 111 1.79 -4.02 -12.34
N LEU A 112 3.08 -3.83 -12.59
CA LEU A 112 3.61 -3.73 -13.93
C LEU A 112 4.88 -4.58 -13.97
N GLN A 113 4.85 -5.73 -14.65
CA GLN A 113 6.02 -6.58 -14.78
C GLN A 113 6.73 -6.10 -16.04
N MET A 114 7.95 -5.61 -15.90
CA MET A 114 8.68 -5.08 -17.04
C MET A 114 9.85 -5.98 -17.39
N ASN A 115 9.81 -6.62 -18.57
CA ASN A 115 10.90 -7.49 -19.03
C ASN A 115 11.55 -6.87 -20.26
N SER A 116 12.70 -7.42 -20.70
CA SER A 116 13.41 -6.99 -21.91
C SER A 116 13.61 -5.48 -21.90
N LEU A 117 14.03 -4.95 -20.75
CA LEU A 117 14.11 -3.51 -20.57
C LEU A 117 15.07 -2.83 -21.54
N ARG A 118 14.72 -1.61 -21.94
CA ARG A 118 15.51 -0.81 -22.89
C ARG A 118 15.80 0.56 -22.28
N ALA A 119 16.80 1.29 -22.84
CA ALA A 119 17.11 2.65 -22.38
C ALA A 119 15.88 3.58 -22.46
N GLU A 120 15.06 3.42 -23.51
CA GLU A 120 13.83 4.19 -23.71
C GLU A 120 12.81 4.00 -22.57
N ASP A 121 12.96 2.93 -21.74
CA ASP A 121 12.04 2.68 -20.63
C ASP A 121 12.42 3.43 -19.34
N THR A 122 13.58 4.10 -19.31
CA THR A 122 13.97 4.90 -18.13
C THR A 122 12.93 6.01 -17.96
N ALA A 123 12.26 6.06 -16.80
CA ALA A 123 11.18 7.05 -16.61
C ALA A 123 10.63 6.91 -15.19
N VAL A 124 9.85 7.93 -14.75
CA VAL A 124 9.08 7.82 -13.55
C VAL A 124 7.77 7.18 -14.00
N TYR A 125 7.35 6.12 -13.31
CA TYR A 125 6.12 5.41 -13.68
C TYR A 125 5.04 5.76 -12.69
N TYR A 126 3.93 6.32 -13.17
CA TYR A 126 2.82 6.68 -12.32
C TYR A 126 1.73 5.63 -12.41
N CYS A 127 1.22 5.22 -11.25
CA CYS A 127 0.04 4.39 -11.11
C CYS A 127 -1.13 5.39 -11.21
N ALA A 128 -2.17 5.06 -11.96
CA ALA A 128 -3.31 5.99 -12.13
C ALA A 128 -4.66 5.26 -12.16
N ARG A 129 -5.72 5.93 -11.69
CA ARG A 129 -7.05 5.37 -11.78
C ARG A 129 -7.65 5.86 -13.11
N ASP A 130 -8.27 4.96 -13.86
CA ASP A 130 -8.86 5.28 -15.17
C ASP A 130 -10.34 5.41 -14.97
N ASN A 131 -10.82 6.65 -14.80
CA ASN A 131 -12.22 6.89 -14.49
C ASN A 131 -12.63 8.26 -14.99
N PRO A 132 -13.72 8.37 -15.75
CA PRO A 132 -14.50 7.27 -16.33
C PRO A 132 -13.64 6.51 -17.37
N ALA A 133 -13.68 5.16 -17.30
CA ALA A 133 -12.88 4.33 -18.21
C ALA A 133 -13.36 4.58 -19.67
N SER A 134 -14.66 4.87 -19.88
CA SER A 134 -15.20 5.16 -21.22
C SER A 134 -14.68 6.50 -21.77
N ALA A 135 -14.16 7.39 -20.90
CA ALA A 135 -13.55 8.65 -21.36
C ALA A 135 -12.00 8.51 -21.46
N VAL A 136 -11.43 7.38 -20.97
CA VAL A 136 -10.01 7.06 -20.87
C VAL A 136 -9.28 8.18 -20.14
N ALA A 137 -9.82 8.60 -18.97
CA ALA A 137 -9.34 9.74 -18.19
C ALA A 137 -8.61 9.29 -16.93
N PHE A 138 -7.42 9.82 -16.64
CA PHE A 138 -6.67 9.39 -15.47
C PHE A 138 -6.98 10.38 -14.36
N ASP A 139 -7.96 10.02 -13.49
CA ASP A 139 -8.44 10.99 -12.51
C ASP A 139 -7.73 10.99 -11.16
N VAL A 140 -6.91 9.98 -10.88
CA VAL A 140 -6.13 9.92 -9.66
C VAL A 140 -4.74 9.45 -10.07
N TRP A 141 -3.69 10.10 -9.57
CA TRP A 141 -2.33 9.72 -9.92
C TRP A 141 -1.54 9.49 -8.64
N GLY A 142 -0.62 8.56 -8.69
CA GLY A 142 0.33 8.35 -7.60
C GLY A 142 1.48 9.33 -7.74
N GLN A 143 2.48 9.24 -6.84
CA GLN A 143 3.66 10.14 -6.88
C GLN A 143 4.73 9.67 -7.88
N GLY A 144 4.65 8.42 -8.29
CA GLY A 144 5.56 7.85 -9.26
C GLY A 144 6.71 7.07 -8.63
N ALA A 145 7.14 6.03 -9.35
CA ALA A 145 8.29 5.21 -8.96
C ALA A 145 9.32 5.39 -10.08
N MET A 146 10.54 5.78 -9.73
CA MET A 146 11.61 6.00 -10.70
C MET A 146 12.27 4.69 -11.13
N VAL A 147 12.43 4.51 -12.44
CA VAL A 147 13.07 3.34 -13.01
C VAL A 147 14.22 3.81 -13.90
N THR A 148 15.43 3.27 -13.69
CA THR A 148 16.54 3.61 -14.57
C THR A 148 17.08 2.37 -15.25
N VAL A 149 17.12 2.36 -16.59
CA VAL A 149 17.69 1.24 -17.33
C VAL A 149 19.06 1.71 -17.83
N SER A 150 20.14 1.19 -17.22
CA SER A 150 21.48 1.65 -17.57
C SER A 150 22.51 0.56 -17.36
N SER A 168 3.61 12.97 -30.34
CA SER A 168 3.75 13.15 -31.79
C SER A 168 2.40 13.04 -32.47
N ALA A 169 1.54 12.07 -32.05
CA ALA A 169 0.21 11.95 -32.67
C ALA A 169 -0.64 13.19 -32.38
N LEU A 170 -0.50 13.79 -31.19
CA LEU A 170 -1.23 15.01 -30.86
C LEU A 170 -0.24 16.15 -30.81
N THR A 171 -0.52 17.23 -31.53
CA THR A 171 0.38 18.37 -31.58
C THR A 171 -0.10 19.50 -30.69
N GLN A 172 0.79 20.00 -29.83
CA GLN A 172 0.51 21.14 -28.97
C GLN A 172 1.58 22.25 -29.22
N PRO A 173 1.24 23.52 -28.93
CA PRO A 173 2.26 24.59 -29.01
C PRO A 173 3.24 24.38 -27.84
N PRO A 174 4.54 24.50 -28.08
CA PRO A 174 5.49 24.28 -26.97
C PRO A 174 5.32 25.28 -25.84
N SER A 175 4.88 26.53 -26.13
CA SER A 175 4.72 27.54 -25.10
C SER A 175 3.57 28.48 -25.33
N VAL A 176 2.98 28.95 -24.24
CA VAL A 176 1.93 29.99 -24.20
C VAL A 176 2.20 30.88 -22.99
N SER A 177 1.87 32.17 -23.09
CA SER A 177 2.09 33.16 -22.01
C SER A 177 1.03 34.25 -22.01
N GLU A 178 0.86 34.96 -20.89
CA GLU A 178 -0.06 36.07 -20.68
C GLU A 178 0.06 36.58 -19.27
N ALA A 179 -0.41 37.80 -19.05
CA ALA A 179 -0.30 38.45 -17.76
C ALA A 179 -1.36 37.87 -16.82
N PRO A 180 -1.22 38.10 -15.51
CA PRO A 180 -2.29 37.70 -14.58
C PRO A 180 -3.65 38.31 -14.93
N ARG A 181 -4.72 37.57 -14.65
CA ARG A 181 -6.15 37.89 -14.89
C ARG A 181 -6.54 37.81 -16.38
N ARG A 182 -5.57 37.59 -17.26
CA ARG A 182 -5.84 37.46 -18.68
C ARG A 182 -6.11 35.97 -19.06
N ARG A 183 -6.22 35.70 -20.35
CA ARG A 183 -6.60 34.37 -20.83
C ARG A 183 -5.67 33.88 -21.91
N VAL A 184 -5.47 32.56 -21.95
CA VAL A 184 -4.70 31.93 -23.01
C VAL A 184 -5.51 30.72 -23.52
N THR A 185 -5.19 30.28 -24.72
CA THR A 185 -5.77 29.05 -25.26
C THR A 185 -4.62 28.14 -25.71
N ILE A 186 -4.78 26.81 -25.49
CA ILE A 186 -3.78 25.83 -25.86
C ILE A 186 -4.39 24.83 -26.83
N TYR A 187 -3.90 24.78 -28.10
CA TYR A 187 -4.46 23.83 -29.06
C TYR A 187 -3.88 22.42 -28.87
N CYS A 188 -4.59 21.46 -29.42
CA CYS A 188 -4.21 20.06 -29.39
C CYS A 188 -4.73 19.51 -30.72
N SER A 189 -3.85 19.40 -31.73
CA SER A 189 -4.27 18.98 -33.07
C SER A 189 -4.03 17.52 -33.27
N GLY A 190 -5.06 16.83 -33.73
CA GLY A 190 -4.96 15.39 -33.93
C GLY A 190 -5.51 14.98 -35.28
N SER A 191 -6.09 13.82 -35.31
CA SER A 191 -6.67 13.26 -36.52
C SER A 191 -7.98 12.55 -36.18
N SER A 192 -8.63 12.04 -37.23
CA SER A 192 -9.88 11.35 -37.11
C SER A 192 -9.80 10.11 -36.17
N SER A 193 -8.66 9.41 -36.13
CA SER A 193 -8.55 8.21 -35.30
C SER A 193 -8.40 8.50 -33.79
N ASN A 194 -8.04 9.75 -33.42
CA ASN A 194 -7.93 10.06 -31.98
C ASN A 194 -8.98 11.12 -31.60
N ILE A 195 -8.63 12.40 -31.64
CA ILE A 195 -9.53 13.47 -31.27
C ILE A 195 -10.87 13.44 -32.04
N GLY A 196 -10.82 13.11 -33.33
CA GLY A 196 -12.02 13.04 -34.15
C GLY A 196 -13.08 12.08 -33.64
N ASN A 197 -12.67 10.96 -33.04
CA ASN A 197 -13.63 9.94 -32.61
C ASN A 197 -13.63 9.66 -31.13
N ASN A 198 -12.75 10.29 -30.34
CA ASN A 198 -12.58 9.88 -28.93
C ASN A 198 -12.53 11.10 -28.01
N ALA A 199 -12.89 10.88 -26.73
CA ALA A 199 -12.95 11.94 -25.71
C ALA A 199 -11.54 12.43 -25.37
N VAL A 200 -11.40 13.73 -25.26
CA VAL A 200 -10.13 14.36 -24.94
C VAL A 200 -10.08 14.67 -23.46
N SER A 201 -8.91 14.41 -22.86
CA SER A 201 -8.61 14.79 -21.51
C SER A 201 -7.46 15.83 -21.49
N TRP A 202 -7.46 16.69 -20.46
CA TRP A 202 -6.39 17.67 -20.26
C TRP A 202 -5.82 17.51 -18.86
N TYR A 203 -4.51 17.57 -18.75
CA TYR A 203 -3.79 17.42 -17.50
C TYR A 203 -2.90 18.63 -17.26
N GLN A 204 -2.74 18.98 -16.00
CA GLN A 204 -1.83 20.04 -15.57
C GLN A 204 -0.74 19.38 -14.76
N GLN A 205 0.50 19.70 -15.03
CA GLN A 205 1.61 19.17 -14.24
C GLN A 205 2.48 20.31 -13.73
N LEU A 206 2.47 20.53 -12.41
CA LEU A 206 3.28 21.57 -11.77
C LEU A 206 4.70 21.04 -11.59
N PRO A 207 5.70 21.96 -11.44
CA PRO A 207 7.08 21.49 -11.25
C PRO A 207 7.23 20.54 -10.08
N GLY A 208 7.81 19.38 -10.36
CA GLY A 208 8.10 18.35 -9.39
C GLY A 208 6.88 17.65 -8.84
N LYS A 209 5.73 17.78 -9.54
CA LYS A 209 4.50 17.16 -9.05
C LYS A 209 3.94 16.16 -10.08
N SER A 210 3.02 15.31 -9.62
CA SER A 210 2.34 14.37 -10.51
C SER A 210 1.33 15.14 -11.34
N PRO A 211 1.02 14.67 -12.56
CA PRO A 211 -0.05 15.33 -13.35
C PRO A 211 -1.38 15.29 -12.60
N LYS A 212 -2.28 16.21 -12.94
CA LYS A 212 -3.61 16.31 -12.35
C LYS A 212 -4.61 16.43 -13.50
N LEU A 213 -5.72 15.70 -13.44
CA LEU A 213 -6.75 15.79 -14.46
C LEU A 213 -7.52 17.09 -14.29
N LEU A 214 -7.69 17.85 -15.37
CA LEU A 214 -8.49 19.08 -15.30
C LEU A 214 -9.84 18.91 -16.00
N ILE A 215 -9.80 18.36 -17.21
CA ILE A 215 -10.92 18.23 -18.11
C ILE A 215 -10.97 16.82 -18.67
N TYR A 216 -12.18 16.29 -18.85
CA TYR A 216 -12.34 14.96 -19.44
C TYR A 216 -13.67 14.94 -20.23
N PHE A 217 -13.89 13.93 -21.11
CA PHE A 217 -15.07 13.94 -21.97
C PHE A 217 -15.12 15.24 -22.82
N ASP A 218 -13.94 15.73 -23.24
CA ASP A 218 -13.73 16.93 -24.05
C ASP A 218 -13.91 18.23 -23.28
N ASP A 219 -14.98 18.33 -22.46
CA ASP A 219 -15.31 19.60 -21.82
C ASP A 219 -15.88 19.54 -20.41
N LEU A 220 -15.84 18.39 -19.73
CA LEU A 220 -16.29 18.31 -18.34
C LEU A 220 -15.15 18.66 -17.45
N VAL A 221 -15.41 19.48 -16.44
CA VAL A 221 -14.38 19.90 -15.51
C VAL A 221 -14.39 18.98 -14.31
N THR A 222 -13.21 18.56 -13.90
CA THR A 222 -13.02 17.73 -12.72
C THR A 222 -13.56 18.47 -11.47
N SER A 223 -14.24 17.74 -10.55
CA SER A 223 -14.79 18.35 -9.32
C SER A 223 -13.66 19.01 -8.52
N GLY A 224 -13.85 20.26 -8.11
CA GLY A 224 -12.80 20.96 -7.37
C GLY A 224 -11.91 21.83 -8.24
N VAL A 225 -11.87 21.56 -9.55
CA VAL A 225 -11.08 22.37 -10.47
C VAL A 225 -11.88 23.60 -10.79
N SER A 226 -11.22 24.75 -10.82
CA SER A 226 -11.85 26.03 -11.12
C SER A 226 -12.53 26.03 -12.49
N ASP A 227 -13.70 26.67 -12.57
CA ASP A 227 -14.44 26.81 -13.83
C ASP A 227 -13.77 27.77 -14.82
N ARG A 228 -12.63 28.40 -14.47
CA ARG A 228 -11.90 29.21 -15.47
C ARG A 228 -11.09 28.31 -16.45
N PHE A 229 -10.98 27.01 -16.14
CA PHE A 229 -10.39 26.08 -17.08
C PHE A 229 -11.57 25.56 -17.88
N SER A 230 -11.53 25.65 -19.20
CA SER A 230 -12.61 25.07 -20.01
C SER A 230 -12.06 24.38 -21.23
N GLY A 231 -12.69 23.30 -21.63
CA GLY A 231 -12.24 22.53 -22.78
C GLY A 231 -13.24 22.56 -23.92
N SER A 232 -12.77 22.41 -25.14
CA SER A 232 -13.66 22.32 -26.31
C SER A 232 -13.03 21.42 -27.35
N LYS A 233 -13.86 20.88 -28.22
CA LYS A 233 -13.39 19.97 -29.26
C LYS A 233 -14.23 20.22 -30.50
N SER A 234 -13.59 20.45 -31.64
CA SER A 234 -14.30 20.61 -32.90
C SER A 234 -13.50 19.90 -33.98
N GLY A 235 -14.12 18.95 -34.64
CA GLY A 235 -13.45 18.19 -35.69
C GLY A 235 -12.33 17.36 -35.12
N THR A 236 -11.10 17.56 -35.62
CA THR A 236 -9.95 16.79 -35.16
C THR A 236 -9.01 17.60 -34.24
N SER A 237 -9.46 18.74 -33.73
CA SER A 237 -8.64 19.53 -32.83
CA SER A 237 -8.64 19.53 -32.82
C SER A 237 -9.38 19.83 -31.54
N ALA A 238 -8.64 19.97 -30.46
CA ALA A 238 -9.18 20.28 -29.15
C ALA A 238 -8.49 21.55 -28.62
N SER A 239 -9.11 22.19 -27.64
CA SER A 239 -8.55 23.39 -27.07
C SER A 239 -8.83 23.49 -25.58
N LEU A 240 -7.85 23.96 -24.80
CA LEU A 240 -7.99 24.22 -23.39
C LEU A 240 -7.88 25.74 -23.24
N ALA A 241 -8.88 26.36 -22.67
CA ALA A 241 -8.83 27.82 -22.44
C ALA A 241 -8.70 28.05 -20.96
N ILE A 242 -7.77 28.92 -20.58
CA ILE A 242 -7.56 29.23 -19.18
C ILE A 242 -7.73 30.73 -19.10
N SER A 243 -8.76 31.19 -18.40
CA SER A 243 -8.96 32.61 -18.18
C SER A 243 -8.65 32.92 -16.71
N GLY A 244 -8.59 34.20 -16.35
CA GLY A 244 -8.32 34.59 -14.98
C GLY A 244 -6.97 34.12 -14.49
N LEU A 245 -5.97 34.09 -15.40
CA LEU A 245 -4.64 33.58 -15.10
C LEU A 245 -4.05 34.00 -13.76
N GLN A 246 -3.54 33.03 -13.01
CA GLN A 246 -2.88 33.26 -11.74
C GLN A 246 -1.42 32.75 -11.83
N SER A 247 -0.51 33.29 -11.01
CA SER A 247 0.88 32.81 -11.02
C SER A 247 1.01 31.29 -10.79
N GLU A 248 0.12 30.69 -9.99
CA GLU A 248 0.09 29.23 -9.73
C GLU A 248 -0.30 28.39 -10.93
N ASP A 249 -0.82 29.01 -12.02
CA ASP A 249 -1.17 28.29 -13.23
C ASP A 249 0.06 27.90 -14.07
N GLU A 250 1.24 28.49 -13.79
CA GLU A 250 2.48 28.19 -14.48
C GLU A 250 2.79 26.68 -14.33
N ALA A 251 2.75 25.96 -15.45
CA ALA A 251 2.80 24.50 -15.44
C ALA A 251 2.92 23.98 -16.88
N ASP A 252 3.12 22.65 -17.06
CA ASP A 252 3.06 22.03 -18.36
C ASP A 252 1.62 21.49 -18.45
N TYR A 253 0.99 21.64 -19.60
CA TYR A 253 -0.36 21.16 -19.82
C TYR A 253 -0.30 20.13 -20.92
N TYR A 254 -1.01 19.02 -20.73
CA TYR A 254 -1.02 17.96 -21.73
C TYR A 254 -2.42 17.55 -22.14
N CYS A 255 -2.65 17.30 -23.42
CA CYS A 255 -3.91 16.73 -23.87
C CYS A 255 -3.66 15.23 -24.14
N ALA A 256 -4.75 14.45 -24.14
CA ALA A 256 -4.64 13.01 -24.41
C ALA A 256 -5.96 12.51 -24.97
N ALA A 257 -5.89 11.41 -25.72
CA ALA A 257 -7.09 10.75 -26.20
C ALA A 257 -6.74 9.33 -26.60
N TRP A 258 -7.74 8.46 -26.62
CA TRP A 258 -7.57 7.12 -27.18
C TRP A 258 -7.39 7.31 -28.72
N ASP A 259 -6.62 6.41 -29.38
CA ASP A 259 -6.42 6.45 -30.82
C ASP A 259 -6.79 5.07 -31.35
N ASP A 260 -7.81 5.01 -32.20
CA ASP A 260 -8.29 3.72 -32.74
C ASP A 260 -7.28 2.99 -33.60
N ARG A 261 -6.43 3.70 -34.34
CA ARG A 261 -5.45 3.07 -35.20
C ARG A 261 -4.25 2.57 -34.40
N LEU A 262 -3.74 3.39 -33.49
CA LEU A 262 -2.62 2.96 -32.65
C LEU A 262 -3.03 1.98 -31.56
N ASN A 263 -4.37 1.86 -31.33
CA ASN A 263 -4.94 0.97 -30.32
C ASN A 263 -4.39 1.30 -28.95
N GLY A 264 -4.40 2.58 -28.60
CA GLY A 264 -3.89 3.02 -27.32
C GLY A 264 -4.08 4.50 -27.08
N VAL A 265 -3.70 4.99 -25.91
CA VAL A 265 -3.80 6.40 -25.56
C VAL A 265 -2.61 7.12 -26.15
N VAL A 266 -2.86 8.31 -26.71
CA VAL A 266 -1.81 9.17 -27.23
C VAL A 266 -1.86 10.46 -26.44
N PHE A 267 -0.68 11.03 -26.13
CA PHE A 267 -0.60 12.30 -25.44
C PHE A 267 0.00 13.32 -26.40
N GLY A 268 -0.34 14.58 -26.17
CA GLY A 268 0.34 15.66 -26.86
C GLY A 268 1.72 15.83 -26.25
N GLY A 269 2.58 16.61 -26.91
CA GLY A 269 3.94 16.87 -26.43
C GLY A 269 4.04 17.80 -25.23
N GLY A 270 2.93 18.41 -24.85
CA GLY A 270 2.90 19.31 -23.72
C GLY A 270 3.12 20.76 -24.11
N THR A 271 2.56 21.64 -23.29
CA THR A 271 2.69 23.09 -23.48
C THR A 271 3.12 23.72 -22.17
N LYS A 272 4.22 24.51 -22.18
CA LYS A 272 4.67 25.21 -21.00
C LYS A 272 3.95 26.57 -20.94
N LEU A 273 3.19 26.78 -19.87
CA LEU A 273 2.49 28.05 -19.67
C LEU A 273 3.30 28.97 -18.77
N THR A 274 3.58 30.19 -19.19
CA THR A 274 4.29 31.18 -18.37
C THR A 274 3.36 32.36 -18.03
N VAL A 275 3.35 32.82 -16.77
CA VAL A 275 2.52 33.94 -16.37
C VAL A 275 3.48 35.12 -16.23
N LEU A 276 3.25 36.18 -16.98
CA LEU A 276 4.17 37.34 -16.96
C LEU A 276 4.20 38.06 -15.62
N SER B 5 -15.64 -9.95 -37.30
CA SER B 5 -16.63 -11.01 -37.04
C SER B 5 -17.85 -10.42 -36.35
N TYR B 6 -19.05 -10.90 -36.69
CA TYR B 6 -20.26 -10.37 -36.06
C TYR B 6 -20.29 -10.74 -34.57
N GLN B 7 -19.78 -11.93 -34.20
CA GLN B 7 -19.74 -12.36 -32.79
C GLN B 7 -18.76 -11.52 -31.97
N ASP B 8 -17.65 -11.11 -32.59
CA ASP B 8 -16.66 -10.26 -31.95
C ASP B 8 -17.22 -8.85 -31.77
N VAL B 9 -17.95 -8.34 -32.79
CA VAL B 9 -18.58 -7.01 -32.74
C VAL B 9 -19.56 -6.95 -31.56
N CYS B 10 -20.35 -8.01 -31.40
CA CYS B 10 -21.32 -8.16 -30.33
C CYS B 10 -20.67 -8.21 -28.98
N ARG B 11 -19.63 -9.03 -28.83
CA ARG B 11 -18.92 -9.14 -27.56
C ARG B 11 -18.28 -7.82 -27.16
N LYS B 12 -17.58 -7.15 -28.09
CA LYS B 12 -16.93 -5.87 -27.83
C LYS B 12 -17.96 -4.78 -27.46
N ALA B 13 -19.13 -4.78 -28.11
CA ALA B 13 -20.18 -3.82 -27.81
C ALA B 13 -20.73 -4.06 -26.40
N LYS B 14 -20.95 -5.34 -26.01
CA LYS B 14 -21.44 -5.67 -24.67
C LYS B 14 -20.40 -5.29 -23.62
N GLU B 15 -19.12 -5.50 -23.92
CA GLU B 15 -18.03 -5.13 -23.03
C GLU B 15 -17.93 -3.62 -22.83
N LYS B 16 -18.13 -2.85 -23.92
CA LYS B 16 -18.09 -1.40 -23.85
C LYS B 16 -19.28 -0.87 -23.06
N LEU B 17 -20.46 -1.51 -23.21
CA LEU B 17 -21.63 -1.08 -22.45
C LEU B 17 -21.46 -1.38 -20.96
N ASP B 18 -20.83 -2.52 -20.61
CA ASP B 18 -20.53 -2.89 -19.21
C ASP B 18 -19.57 -1.86 -18.58
N LYS B 19 -18.58 -1.40 -19.35
CA LYS B 19 -17.60 -0.39 -18.93
C LYS B 19 -18.31 0.93 -18.62
N ILE B 20 -19.22 1.36 -19.52
CA ILE B 20 -20.00 2.59 -19.34
C ILE B 20 -20.93 2.43 -18.14
N GLU B 21 -21.52 1.25 -17.96
CA GLU B 21 -22.42 1.01 -16.83
C GLU B 21 -21.66 1.08 -15.52
N MET B 22 -20.44 0.52 -15.47
CA MET B 22 -19.62 0.60 -14.27
C MET B 22 -19.21 2.06 -14.00
N ASP B 23 -18.96 2.86 -15.06
CA ASP B 23 -18.64 4.28 -14.89
C ASP B 23 -19.84 4.99 -14.24
N ALA B 24 -21.06 4.68 -14.70
CA ALA B 24 -22.26 5.33 -14.12
C ALA B 24 -22.45 4.88 -12.68
N LYS B 25 -22.18 3.59 -12.39
CA LYS B 25 -22.30 3.06 -11.02
C LYS B 25 -21.28 3.72 -10.08
N ASN B 26 -20.02 3.84 -10.52
CA ASN B 26 -18.99 4.50 -9.68
C ASN B 26 -19.31 5.99 -9.51
N TYR B 27 -19.84 6.63 -10.56
CA TYR B 27 -20.25 8.02 -10.49
C TYR B 27 -21.34 8.21 -9.44
N GLU B 28 -22.36 7.33 -9.44
CA GLU B 28 -23.43 7.43 -8.46
C GLU B 28 -22.92 7.17 -7.06
N THR B 29 -22.03 6.18 -6.89
CA THR B 29 -21.45 5.87 -5.59
C THR B 29 -20.70 7.09 -5.02
N ASN B 30 -19.92 7.78 -5.85
CA ASN B 30 -19.17 8.97 -5.41
C ASN B 30 -20.07 10.18 -5.16
N LEU B 31 -21.17 10.26 -5.92
CA LEU B 31 -22.18 11.32 -5.84
C LEU B 31 -22.95 11.23 -4.54
N LYS B 32 -23.23 10.00 -4.06
CA LYS B 32 -23.90 9.78 -2.77
C LYS B 32 -23.07 10.44 -1.63
N GLU B 33 -21.74 10.29 -1.70
CA GLU B 33 -20.84 10.86 -0.72
C GLU B 33 -20.78 12.39 -0.86
N GLN B 34 -20.65 12.88 -2.10
CA GLN B 34 -20.58 14.31 -2.40
C GLN B 34 -21.80 15.13 -1.98
N ALA B 35 -23.02 14.67 -2.32
CA ALA B 35 -24.24 15.42 -2.00
C ALA B 35 -24.52 15.48 -0.49
N ASN B 36 -24.36 14.33 0.22
CA ASN B 36 -24.60 14.22 1.66
C ASN B 36 -23.66 15.08 2.51
N ASN B 37 -22.42 15.27 2.06
CA ASN B 37 -21.42 16.04 2.81
C ASN B 37 -21.39 17.54 2.49
N ALA B 38 -21.92 17.96 1.34
CA ALA B 38 -21.83 19.36 0.93
C ALA B 38 -22.87 20.31 1.56
N ASP B 39 -22.48 21.60 1.68
CA ASP B 39 -23.30 22.68 2.16
C ASP B 39 -24.29 22.90 1.01
N LYS B 40 -25.55 22.50 1.23
CA LYS B 40 -26.52 22.52 0.15
C LYS B 40 -27.22 23.85 0.00
N THR B 41 -26.45 24.80 -0.50
CA THR B 41 -26.91 26.15 -0.75
C THR B 41 -27.74 26.18 -2.04
N GLU B 42 -28.46 27.27 -2.27
CA GLU B 42 -29.22 27.46 -3.51
C GLU B 42 -28.27 27.44 -4.74
N GLU B 43 -27.07 28.00 -4.59
CA GLU B 43 -26.10 28.03 -5.67
C GLU B 43 -25.50 26.64 -5.89
N TYR B 44 -25.18 25.95 -4.80
CA TYR B 44 -24.64 24.59 -4.88
C TYR B 44 -25.63 23.64 -5.56
N ARG B 45 -26.91 23.66 -5.16
CA ARG B 45 -27.93 22.77 -5.73
C ARG B 45 -28.16 23.05 -7.21
N LYS B 46 -28.11 24.33 -7.60
CA LYS B 46 -28.27 24.72 -8.98
C LYS B 46 -27.06 24.23 -9.81
N LYS B 47 -25.86 24.38 -9.25
CA LYS B 47 -24.63 24.00 -9.93
C LYS B 47 -24.45 22.49 -10.02
N LYS B 48 -24.74 21.78 -8.93
CA LYS B 48 -24.56 20.34 -8.89
C LYS B 48 -25.52 19.62 -9.83
N LYS B 49 -26.77 20.11 -9.94
CA LYS B 49 -27.77 19.51 -10.84
C LYS B 49 -27.31 19.62 -12.27
N ILE B 50 -26.72 20.77 -12.63
CA ILE B 50 -26.23 20.97 -13.97
C ILE B 50 -25.05 20.04 -14.25
N ALA B 51 -24.12 19.88 -13.28
CA ALA B 51 -22.93 19.04 -13.41
C ALA B 51 -23.27 17.57 -13.60
N ILE B 52 -24.27 17.09 -12.84
CA ILE B 52 -24.75 15.72 -12.89
C ILE B 52 -25.37 15.46 -14.24
N GLU B 53 -26.23 16.39 -14.71
CA GLU B 53 -26.88 16.29 -16.01
C GLU B 53 -25.84 16.26 -17.13
N ALA B 54 -24.82 17.12 -17.04
CA ALA B 54 -23.74 17.16 -18.03
C ALA B 54 -22.99 15.80 -18.06
N PHE B 55 -22.65 15.25 -16.88
CA PHE B 55 -21.95 13.98 -16.81
C PHE B 55 -22.81 12.83 -17.39
N LEU B 56 -24.08 12.75 -16.98
CA LEU B 56 -24.96 11.67 -17.45
C LEU B 56 -25.27 11.80 -18.94
N LYS B 57 -25.25 13.04 -19.50
CA LYS B 57 -25.44 13.22 -20.93
C LYS B 57 -24.23 12.59 -21.66
N LYS B 58 -22.99 12.76 -21.13
CA LYS B 58 -21.79 12.20 -21.77
C LYS B 58 -21.86 10.67 -21.78
N ILE B 59 -22.30 10.07 -20.68
CA ILE B 59 -22.44 8.62 -20.52
C ILE B 59 -23.52 8.09 -21.49
N GLU B 60 -24.65 8.80 -21.58
CA GLU B 60 -25.73 8.41 -22.48
C GLU B 60 -25.27 8.49 -23.95
N GLU B 61 -24.52 9.53 -24.29
CA GLU B 61 -23.97 9.72 -25.63
C GLU B 61 -23.00 8.58 -25.95
N ALA B 62 -22.17 8.20 -24.96
CA ALA B 62 -21.20 7.13 -25.18
C ALA B 62 -21.89 5.80 -25.46
N ALA B 63 -22.94 5.47 -24.68
CA ALA B 63 -23.69 4.23 -24.84
C ALA B 63 -24.41 4.25 -26.20
N ASP B 64 -25.01 5.40 -26.56
CA ASP B 64 -25.73 5.55 -27.83
C ASP B 64 -24.79 5.31 -28.99
N LYS B 65 -23.56 5.84 -28.91
CA LYS B 65 -22.56 5.66 -29.94
C LYS B 65 -22.18 4.19 -30.09
N VAL B 66 -22.01 3.47 -28.96
CA VAL B 66 -21.65 2.03 -29.00
C VAL B 66 -22.76 1.26 -29.73
N ALA B 67 -24.02 1.48 -29.36
CA ALA B 67 -25.15 0.79 -29.96
C ALA B 67 -25.32 1.14 -31.43
N ARG B 68 -25.13 2.42 -31.77
CA ARG B 68 -25.32 2.88 -33.15
C ARG B 68 -24.26 2.28 -34.07
N GLU B 69 -22.97 2.32 -33.67
CA GLU B 69 -21.87 1.76 -34.46
C GLU B 69 -21.93 0.23 -34.54
N ALA B 70 -22.39 -0.45 -33.48
CA ALA B 70 -22.50 -1.90 -33.51
C ALA B 70 -23.59 -2.29 -34.51
N LYS B 71 -24.74 -1.58 -34.50
CA LYS B 71 -25.83 -1.85 -35.42
C LYS B 71 -25.37 -1.64 -36.87
N GLN B 72 -24.59 -0.57 -37.11
CA GLN B 72 -24.08 -0.26 -38.44
C GLN B 72 -23.08 -1.28 -38.92
N ARG B 73 -22.14 -1.67 -38.03
CA ARG B 73 -21.09 -2.66 -38.29
C ARG B 73 -21.71 -4.00 -38.66
N LEU B 74 -22.79 -4.40 -37.96
CA LEU B 74 -23.44 -5.66 -38.24
C LEU B 74 -24.19 -5.63 -39.57
N ASP B 75 -24.79 -4.48 -39.93
CA ASP B 75 -25.53 -4.30 -41.17
C ASP B 75 -24.64 -4.43 -42.41
N GLU B 76 -23.38 -4.02 -42.29
CA GLU B 76 -22.38 -4.11 -43.35
C GLU B 76 -21.84 -5.54 -43.46
N LEU B 77 -21.66 -6.21 -42.31
CA LEU B 77 -21.17 -7.59 -42.24
C LEU B 77 -22.17 -8.58 -42.83
N GLU B 78 -23.49 -8.33 -42.68
CA GLU B 78 -24.48 -9.23 -43.28
C GLU B 78 -24.48 -9.14 -44.83
N LYS B 79 -23.82 -8.10 -45.40
CA LYS B 79 -23.65 -7.95 -46.84
C LYS B 79 -22.28 -8.56 -47.22
N LYS B 80 -21.99 -9.78 -46.71
CA LYS B 80 -20.76 -10.52 -46.97
C LYS B 80 -21.08 -12.00 -47.07
N GLU B 87 -29.21 -15.03 -35.11
CA GLU B 87 -27.82 -14.93 -34.67
C GLU B 87 -27.31 -13.49 -34.76
N LEU B 88 -27.39 -12.89 -35.95
CA LEU B 88 -26.96 -11.51 -36.13
C LEU B 88 -28.03 -10.59 -35.56
N GLU B 89 -29.31 -10.87 -35.88
CA GLU B 89 -30.44 -10.10 -35.38
C GLU B 89 -30.65 -10.33 -33.87
N LYS B 90 -30.20 -11.48 -33.33
CA LYS B 90 -30.23 -11.79 -31.90
C LYS B 90 -29.29 -10.80 -31.19
N CYS B 91 -28.08 -10.60 -31.76
CA CYS B 91 -27.08 -9.67 -31.25
C CYS B 91 -27.61 -8.26 -31.30
N LYS B 92 -28.22 -7.88 -32.42
CA LYS B 92 -28.81 -6.55 -32.62
C LYS B 92 -29.79 -6.21 -31.49
N GLU B 93 -30.60 -7.22 -31.12
CA GLU B 93 -31.60 -7.14 -30.06
C GLU B 93 -30.96 -7.03 -28.68
N GLU B 94 -29.90 -7.81 -28.41
CA GLU B 94 -29.24 -7.76 -27.10
C GLU B 94 -28.51 -6.43 -26.91
N VAL B 95 -27.91 -5.89 -27.98
CA VAL B 95 -27.21 -4.61 -27.88
C VAL B 95 -28.23 -3.49 -27.64
N GLU B 96 -29.35 -3.52 -28.38
CA GLU B 96 -30.46 -2.57 -28.27
C GLU B 96 -31.06 -2.63 -26.85
N LYS B 97 -31.20 -3.84 -26.31
CA LYS B 97 -31.70 -4.16 -24.97
C LYS B 97 -30.77 -3.58 -23.92
N ARG B 98 -29.43 -3.82 -24.06
CA ARG B 98 -28.42 -3.34 -23.11
C ARG B 98 -28.41 -1.83 -23.08
N ALA B 99 -28.47 -1.19 -24.25
CA ALA B 99 -28.48 0.27 -24.34
C ALA B 99 -29.75 0.82 -23.70
N ARG B 100 -30.87 0.19 -23.92
CA ARG B 100 -32.16 0.62 -23.35
C ARG B 100 -32.10 0.54 -21.82
N GLU B 101 -31.58 -0.58 -21.30
CA GLU B 101 -31.44 -0.78 -19.86
C GLU B 101 -30.46 0.24 -19.26
N LEU B 102 -29.36 0.54 -19.97
CA LEU B 102 -28.38 1.52 -19.53
C LEU B 102 -29.03 2.89 -19.49
N ARG B 103 -29.82 3.26 -20.49
CA ARG B 103 -30.53 4.54 -20.49
C ARG B 103 -31.56 4.68 -19.34
N ARG B 104 -32.18 3.58 -18.91
CA ARG B 104 -33.10 3.59 -17.77
C ARG B 104 -32.28 3.81 -16.48
N ARG B 105 -31.12 3.14 -16.38
CA ARG B 105 -30.22 3.29 -15.24
C ARG B 105 -29.74 4.74 -15.09
N ILE B 106 -29.32 5.36 -16.20
CA ILE B 106 -28.88 6.74 -16.20
C ILE B 106 -29.99 7.68 -15.74
N ARG B 107 -31.23 7.47 -16.21
CA ARG B 107 -32.36 8.29 -15.79
C ARG B 107 -32.62 8.12 -14.30
N GLU B 108 -32.51 6.90 -13.78
CA GLU B 108 -32.73 6.65 -12.36
C GLU B 108 -31.67 7.29 -11.46
N ILE B 109 -30.41 7.40 -11.94
CA ILE B 109 -29.36 8.08 -11.18
C ILE B 109 -29.72 9.58 -11.08
N LEU B 110 -30.15 10.17 -12.22
CA LEU B 110 -30.55 11.56 -12.27
C LEU B 110 -31.76 11.81 -11.38
N GLU B 111 -32.75 10.90 -11.36
CA GLU B 111 -33.93 11.03 -10.49
C GLU B 111 -33.52 11.05 -9.02
N ARG B 112 -32.59 10.15 -8.62
CA ARG B 112 -32.16 10.07 -7.23
C ARG B 112 -31.28 11.24 -6.82
N ALA B 113 -30.43 11.73 -7.73
CA ALA B 113 -29.56 12.87 -7.45
C ALA B 113 -30.40 14.12 -7.18
N LYS B 114 -31.47 14.32 -7.98
CA LYS B 114 -32.37 15.45 -7.80
C LYS B 114 -33.04 15.40 -6.42
N LYS B 115 -33.31 14.19 -5.90
CA LYS B 115 -33.88 14.00 -4.57
C LYS B 115 -32.85 14.28 -3.45
N TRP B 116 -31.58 13.82 -3.59
CA TRP B 116 -30.56 14.07 -2.55
C TRP B 116 -30.20 15.56 -2.45
N LEU B 117 -30.31 16.30 -3.56
CA LEU B 117 -29.98 17.73 -3.55
C LEU B 117 -31.09 18.57 -2.91
N ASP B 118 -32.35 18.14 -3.06
CA ASP B 118 -33.49 18.84 -2.48
C ASP B 118 -33.91 18.22 -1.15
N GLU C 32 -7.76 -1.52 10.12
CA GLU C 32 -7.16 -0.41 9.39
C GLU C 32 -5.64 -0.55 9.39
N VAL C 33 -5.04 -1.04 10.50
CA VAL C 33 -3.62 -1.33 10.55
C VAL C 33 -3.41 -2.55 9.70
N GLN C 34 -2.70 -2.41 8.57
CA GLN C 34 -2.58 -3.50 7.61
C GLN C 34 -1.22 -3.61 6.99
N LEU C 35 -0.82 -4.83 6.60
CA LEU C 35 0.47 -5.07 5.92
C LEU C 35 0.16 -6.02 4.76
N VAL C 36 0.54 -5.62 3.55
CA VAL C 36 0.25 -6.42 2.36
C VAL C 36 1.50 -6.75 1.61
N GLU C 37 1.81 -8.04 1.51
CA GLU C 37 3.03 -8.46 0.81
C GLU C 37 2.76 -8.75 -0.65
N SER C 38 3.78 -8.55 -1.47
CA SER C 38 3.73 -8.85 -2.91
CA SER C 38 3.72 -8.88 -2.90
C SER C 38 5.09 -9.37 -3.34
N GLY C 39 5.17 -9.92 -4.55
CA GLY C 39 6.45 -10.35 -5.09
C GLY C 39 6.76 -11.82 -4.97
N GLY C 40 5.82 -12.60 -4.50
CA GLY C 40 6.05 -14.03 -4.36
C GLY C 40 6.20 -14.73 -5.69
N GLY C 41 6.85 -15.90 -5.68
CA GLY C 41 7.02 -16.66 -6.91
C GLY C 41 7.93 -17.84 -6.80
N LEU C 42 8.17 -18.46 -7.96
CA LEU C 42 9.00 -19.63 -8.11
C LEU C 42 10.34 -19.14 -8.70
N VAL C 43 11.43 -19.53 -8.06
CA VAL C 43 12.79 -19.12 -8.42
C VAL C 43 13.66 -20.37 -8.43
N GLN C 44 14.72 -20.37 -9.24
CA GLN C 44 15.66 -21.49 -9.28
C GLN C 44 16.66 -21.36 -8.12
N PRO C 45 17.26 -22.46 -7.63
CA PRO C 45 18.33 -22.33 -6.61
C PRO C 45 19.48 -21.48 -7.16
N GLY C 46 20.02 -20.62 -6.33
CA GLY C 46 21.04 -19.66 -6.71
C GLY C 46 20.45 -18.36 -7.23
N GLY C 47 19.14 -18.33 -7.49
CA GLY C 47 18.45 -17.15 -7.99
C GLY C 47 18.19 -16.08 -6.94
N SER C 48 17.52 -14.98 -7.37
CA SER C 48 17.17 -13.82 -6.56
C SER C 48 15.71 -13.51 -6.68
N LEU C 49 15.14 -12.92 -5.64
CA LEU C 49 13.73 -12.52 -5.64
C LEU C 49 13.59 -11.36 -4.67
N ARG C 50 12.73 -10.38 -4.98
CA ARG C 50 12.53 -9.25 -4.09
C ARG C 50 11.10 -9.23 -3.61
N LEU C 51 10.90 -9.28 -2.28
CA LEU C 51 9.55 -9.17 -1.74
C LEU C 51 9.31 -7.74 -1.32
N SER C 52 8.07 -7.29 -1.41
CA SER C 52 7.72 -5.96 -0.93
C SER C 52 6.54 -6.08 0.02
N CYS C 53 6.38 -5.09 0.88
CA CYS C 53 5.27 -5.08 1.82
C CYS C 53 4.79 -3.63 1.93
N ALA C 54 3.53 -3.42 1.64
CA ALA C 54 2.89 -2.10 1.69
C ALA C 54 2.17 -1.96 3.03
N ALA C 55 2.53 -0.95 3.81
CA ALA C 55 1.93 -0.73 5.12
C ALA C 55 0.92 0.41 5.06
N SER C 56 -0.12 0.33 5.87
CA SER C 56 -1.11 1.39 5.96
C SER C 56 -1.78 1.37 7.34
N GLY C 57 -2.43 2.48 7.70
CA GLY C 57 -3.20 2.57 8.94
C GLY C 57 -2.41 2.93 10.18
N PHE C 58 -1.10 3.16 10.04
CA PHE C 58 -0.25 3.54 11.17
C PHE C 58 0.95 4.37 10.69
N THR C 59 1.64 5.02 11.61
CA THR C 59 2.82 5.82 11.25
C THR C 59 3.99 4.85 11.06
N PHE C 60 4.10 4.29 9.84
CA PHE C 60 5.13 3.33 9.48
C PHE C 60 6.54 3.77 9.92
N ASN C 61 6.86 5.09 9.75
CA ASN C 61 8.18 5.63 10.10
C ASN C 61 8.52 5.60 11.60
N THR C 62 7.57 5.26 12.49
CA THR C 62 7.91 5.22 13.93
C THR C 62 8.05 3.77 14.45
N TYR C 63 7.93 2.76 13.58
CA TYR C 63 8.00 1.36 14.03
C TYR C 63 9.12 0.60 13.43
N TRP C 64 9.69 -0.32 14.22
CA TRP C 64 10.55 -1.38 13.71
C TRP C 64 9.67 -2.33 12.89
N MET C 65 10.22 -2.93 11.85
CA MET C 65 9.45 -3.85 10.98
C MET C 65 10.24 -5.13 10.80
N SER C 66 9.56 -6.21 10.43
CA SER C 66 10.21 -7.52 10.40
C SER C 66 9.71 -8.42 9.29
N TRP C 67 10.48 -9.47 9.01
CA TRP C 67 10.01 -10.57 8.16
C TRP C 67 10.13 -11.84 8.98
N VAL C 68 9.10 -12.70 8.90
CA VAL C 68 9.08 -14.02 9.54
C VAL C 68 8.59 -14.98 8.46
N ARG C 69 9.17 -16.19 8.36
CA ARG C 69 8.73 -17.14 7.33
C ARG C 69 8.22 -18.46 7.90
N GLN C 70 7.56 -19.25 7.03
CA GLN C 70 6.99 -20.52 7.45
C GLN C 70 7.04 -21.45 6.28
N ALA C 71 7.89 -22.48 6.34
CA ALA C 71 7.95 -23.48 5.27
C ALA C 71 6.62 -24.28 5.25
N PRO C 72 6.20 -24.81 4.08
CA PRO C 72 4.89 -25.50 4.02
C PRO C 72 4.75 -26.61 5.06
N GLY C 73 3.69 -26.55 5.86
CA GLY C 73 3.41 -27.55 6.90
C GLY C 73 4.41 -27.52 8.07
N LYS C 74 5.24 -26.46 8.18
CA LYS C 74 6.25 -26.38 9.23
C LYS C 74 6.00 -25.18 10.19
N GLY C 75 6.91 -24.97 11.12
CA GLY C 75 6.78 -23.90 12.10
C GLY C 75 7.30 -22.55 11.65
N LEU C 76 7.13 -21.56 12.49
CA LEU C 76 7.58 -20.20 12.18
C LEU C 76 9.11 -20.08 12.39
N GLU C 77 9.73 -19.24 11.57
CA GLU C 77 11.15 -18.97 11.69
C GLU C 77 11.38 -17.50 11.37
N TRP C 78 11.89 -16.75 12.32
CA TRP C 78 12.15 -15.32 12.12
C TRP C 78 13.28 -15.10 11.06
N VAL C 79 13.17 -14.04 10.24
CA VAL C 79 14.16 -13.76 9.20
C VAL C 79 14.96 -12.51 9.49
N ALA C 80 14.28 -11.37 9.73
CA ALA C 80 15.01 -10.10 9.90
C ALA C 80 14.14 -9.03 10.57
N ASN C 81 14.78 -8.02 11.17
CA ASN C 81 14.15 -6.80 11.73
C ASN C 81 14.92 -5.60 11.19
N ILE C 82 14.21 -4.47 11.09
CA ILE C 82 14.85 -3.23 10.69
C ILE C 82 14.29 -2.10 11.58
N GLN C 83 15.19 -1.25 12.08
CA GLN C 83 14.82 -0.11 12.89
C GLN C 83 13.94 0.87 12.10
N GLN C 84 13.15 1.66 12.81
CA GLN C 84 12.20 2.60 12.20
C GLN C 84 12.81 3.51 11.14
N ASP C 85 14.07 3.99 11.33
CA ASP C 85 14.71 4.86 10.38
C ASP C 85 15.63 4.12 9.37
N GLY C 86 15.56 2.78 9.40
CA GLY C 86 16.25 1.89 8.48
C GLY C 86 17.68 1.59 8.84
N SER C 87 18.13 2.06 9.99
CA SER C 87 19.51 1.94 10.37
C SER C 87 19.88 0.52 10.86
N GLU C 88 19.59 0.17 12.13
CA GLU C 88 20.01 -1.12 12.65
C GLU C 88 19.15 -2.20 12.05
N LYS C 89 19.82 -3.31 11.69
CA LYS C 89 19.16 -4.46 11.08
C LYS C 89 19.58 -5.69 11.84
N ASP C 90 18.66 -6.62 11.99
CA ASP C 90 18.94 -7.88 12.68
C ASP C 90 18.63 -8.98 11.65
N TYR C 91 19.41 -10.07 11.62
CA TYR C 91 19.14 -11.16 10.67
C TYR C 91 19.29 -12.51 11.31
N LEU C 92 18.53 -13.49 10.76
CA LEU C 92 18.67 -14.93 11.03
C LEU C 92 20.05 -15.31 10.47
N ASN C 93 20.89 -16.01 11.26
CA ASN C 93 22.27 -16.27 10.83
C ASN C 93 22.39 -16.90 9.43
N SER C 94 21.54 -17.88 9.14
CA SER C 94 21.58 -18.59 7.87
C SER C 94 21.23 -17.74 6.63
N VAL C 95 20.70 -16.52 6.81
CA VAL C 95 20.41 -15.65 5.65
C VAL C 95 21.38 -14.48 5.52
N ARG C 96 22.32 -14.33 6.48
CA ARG C 96 23.31 -13.27 6.40
C ARG C 96 24.15 -13.41 5.14
N GLY C 97 24.40 -12.28 4.46
CA GLY C 97 25.19 -12.29 3.23
C GLY C 97 24.36 -12.72 2.02
N ARG C 98 23.10 -13.09 2.23
CA ARG C 98 22.23 -13.51 1.15
C ARG C 98 21.00 -12.60 1.08
N PHE C 99 20.43 -12.27 2.23
CA PHE C 99 19.22 -11.44 2.28
C PHE C 99 19.53 -10.03 2.79
N THR C 100 18.77 -9.07 2.31
CA THR C 100 18.87 -7.70 2.77
C THR C 100 17.52 -7.10 3.05
N ILE C 101 17.29 -6.66 4.29
CA ILE C 101 16.02 -6.02 4.64
C ILE C 101 16.25 -4.50 4.44
N SER C 102 15.23 -3.82 3.95
CA SER C 102 15.34 -2.38 3.73
C SER C 102 13.94 -1.79 3.79
N ARG C 103 13.86 -0.45 3.84
CA ARG C 103 12.54 0.20 3.87
C ARG C 103 12.59 1.54 3.18
N ASP C 104 11.47 2.00 2.71
CA ASP C 104 11.35 3.31 2.09
C ASP C 104 10.18 3.95 2.82
N ASN C 105 10.50 4.77 3.84
CA ASN C 105 9.49 5.40 4.69
C ASN C 105 8.58 6.36 3.93
N ALA C 106 9.06 6.95 2.82
CA ALA C 106 8.23 7.83 2.03
C ALA C 106 7.12 7.01 1.35
N LYS C 107 7.42 5.76 0.93
CA LYS C 107 6.45 4.92 0.22
C LYS C 107 5.77 3.90 1.12
N LYS C 108 6.01 3.99 2.49
CA LYS C 108 5.43 3.08 3.48
C LYS C 108 5.66 1.62 3.07
N SER C 109 6.88 1.32 2.60
CA SER C 109 7.20 0.01 2.08
C SER C 109 8.37 -0.63 2.80
N LEU C 110 8.22 -1.93 3.04
CA LEU C 110 9.28 -2.73 3.62
C LEU C 110 9.70 -3.69 2.49
N TYR C 111 10.99 -3.95 2.34
CA TYR C 111 11.47 -4.88 1.33
C TYR C 111 12.31 -5.99 1.94
N LEU C 112 12.42 -7.09 1.20
CA LEU C 112 13.35 -8.16 1.51
C LEU C 112 13.99 -8.60 0.17
N GLN C 113 15.26 -8.27 -0.05
CA GLN C 113 15.96 -8.68 -1.25
C GLN C 113 16.58 -10.01 -0.93
N MET C 114 16.20 -11.06 -1.65
CA MET C 114 16.70 -12.40 -1.36
C MET C 114 17.59 -12.88 -2.48
N ASN C 115 18.89 -13.09 -2.22
CA ASN C 115 19.83 -13.57 -3.22
C ASN C 115 20.36 -14.93 -2.82
N SER C 116 21.10 -15.63 -3.72
CA SER C 116 21.72 -16.92 -3.44
C SER C 116 20.70 -17.89 -2.81
N LEU C 117 19.47 -17.90 -3.34
CA LEU C 117 18.39 -18.70 -2.79
C LEU C 117 18.62 -20.20 -2.79
N ARG C 118 18.24 -20.85 -1.68
CA ARG C 118 18.44 -22.28 -1.41
C ARG C 118 17.08 -22.96 -1.20
N ALA C 119 17.03 -24.31 -1.31
CA ALA C 119 15.78 -25.06 -1.06
C ALA C 119 15.20 -24.76 0.34
N GLU C 120 16.08 -24.58 1.35
CA GLU C 120 15.68 -24.26 2.72
C GLU C 120 14.92 -22.93 2.81
N ASP C 121 15.01 -22.06 1.79
CA ASP C 121 14.31 -20.77 1.78
C ASP C 121 12.87 -20.83 1.29
N THR C 122 12.44 -21.97 0.75
CA THR C 122 11.04 -22.12 0.33
C THR C 122 10.13 -21.95 1.56
N ALA C 123 9.21 -20.96 1.50
CA ALA C 123 8.36 -20.67 2.63
C ALA C 123 7.38 -19.55 2.27
N VAL C 124 6.31 -19.37 3.09
CA VAL C 124 5.46 -18.20 3.04
C VAL C 124 6.19 -17.14 3.90
N TYR C 125 6.40 -15.93 3.35
CA TYR C 125 7.10 -14.87 4.05
C TYR C 125 6.10 -13.83 4.51
N TYR C 126 6.03 -13.61 5.81
CA TYR C 126 5.10 -12.62 6.40
C TYR C 126 5.85 -11.34 6.72
N CYS C 127 5.25 -10.22 6.34
CA CYS C 127 5.65 -8.89 6.72
C CYS C 127 5.02 -8.69 8.12
N ALA C 128 5.76 -8.16 9.09
CA ALA C 128 5.21 -7.97 10.45
C ALA C 128 5.69 -6.69 11.10
N ARG C 129 4.86 -6.12 11.99
CA ARG C 129 5.27 -4.94 12.73
C ARG C 129 5.89 -5.44 14.04
N ASP C 130 7.04 -4.89 14.41
CA ASP C 130 7.76 -5.27 15.62
C ASP C 130 7.47 -4.25 16.67
N ASN C 131 6.49 -4.53 17.55
CA ASN C 131 6.07 -3.56 18.55
C ASN C 131 5.49 -4.28 19.77
N PRO C 132 5.96 -3.96 20.98
CA PRO C 132 7.12 -3.11 21.28
C PRO C 132 8.41 -3.77 20.78
N ALA C 133 9.25 -2.98 20.11
CA ALA C 133 10.51 -3.47 19.56
C ALA C 133 11.43 -3.97 20.68
N SER C 134 11.37 -3.35 21.88
CA SER C 134 12.18 -3.76 23.03
C SER C 134 11.69 -5.14 23.58
N ALA C 135 10.47 -5.57 23.26
CA ALA C 135 9.98 -6.91 23.66
C ALA C 135 10.19 -7.94 22.50
N VAL C 136 10.59 -7.48 21.29
CA VAL C 136 10.76 -8.23 20.05
C VAL C 136 9.47 -8.98 19.72
N ALA C 137 8.32 -8.29 19.77
CA ALA C 137 6.97 -8.87 19.60
C ALA C 137 6.35 -8.50 18.25
N PHE C 138 5.80 -9.47 17.52
CA PHE C 138 5.25 -9.18 16.18
C PHE C 138 3.77 -8.98 16.36
N ASP C 139 3.34 -7.71 16.51
CA ASP C 139 1.95 -7.44 16.86
C ASP C 139 0.99 -7.27 15.68
N VAL C 140 1.49 -7.12 14.46
CA VAL C 140 0.64 -7.04 13.27
C VAL C 140 1.30 -7.92 12.20
N TRP C 141 0.53 -8.73 11.49
CA TRP C 141 1.08 -9.62 10.48
C TRP C 141 0.35 -9.41 9.17
N GLY C 142 1.06 -9.56 8.07
CA GLY C 142 0.42 -9.58 6.76
C GLY C 142 -0.12 -10.97 6.45
N GLN C 143 -0.67 -11.20 5.25
CA GLN C 143 -1.21 -12.52 4.87
C GLN C 143 -0.13 -13.49 4.36
N GLY C 144 1.03 -12.95 3.99
CA GLY C 144 2.17 -13.74 3.52
C GLY C 144 2.27 -13.84 2.02
N ALA C 145 3.51 -13.91 1.52
CA ALA C 145 3.80 -14.09 0.10
C ALA C 145 4.58 -15.42 -0.01
N MET C 146 4.14 -16.33 -0.88
CA MET C 146 4.78 -17.62 -1.08
C MET C 146 6.02 -17.54 -1.96
N VAL C 147 7.14 -18.14 -1.50
CA VAL C 147 8.35 -18.20 -2.28
C VAL C 147 8.74 -19.69 -2.44
N THR C 148 8.94 -20.16 -3.69
CA THR C 148 9.38 -21.52 -3.89
C THR C 148 10.73 -21.54 -4.57
N VAL C 149 11.73 -22.19 -3.97
CA VAL C 149 13.05 -22.33 -4.59
C VAL C 149 13.12 -23.77 -5.11
N SER C 150 13.06 -23.94 -6.43
CA SER C 150 13.03 -25.28 -7.01
C SER C 150 13.63 -25.28 -8.40
N SER C 168 14.13 -25.15 17.40
CA SER C 168 15.07 -26.08 18.03
C SER C 168 15.61 -25.48 19.32
N ALA C 169 15.93 -24.17 19.31
CA ALA C 169 16.43 -23.50 20.52
C ALA C 169 15.35 -23.48 21.60
N LEU C 170 14.06 -23.34 21.20
CA LEU C 170 12.97 -23.35 22.19
C LEU C 170 12.18 -24.64 22.00
N THR C 171 11.99 -25.39 23.06
CA THR C 171 11.31 -26.66 23.00
C THR C 171 9.87 -26.54 23.46
N GLN C 172 8.94 -27.00 22.61
CA GLN C 172 7.52 -27.03 22.94
C GLN C 172 7.00 -28.47 22.77
N PRO C 173 5.91 -28.85 23.46
CA PRO C 173 5.33 -30.20 23.19
C PRO C 173 4.69 -30.14 21.78
N PRO C 174 4.90 -31.13 20.91
CA PRO C 174 4.30 -31.03 19.56
C PRO C 174 2.78 -31.02 19.57
N SER C 175 2.17 -31.69 20.56
CA SER C 175 0.72 -31.72 20.65
C SER C 175 0.25 -31.78 22.09
N VAL C 176 -0.86 -31.12 22.34
CA VAL C 176 -1.53 -31.11 23.65
C VAL C 176 -3.01 -31.19 23.36
N SER C 177 -3.72 -31.99 24.18
CA SER C 177 -5.15 -32.12 24.07
C SER C 177 -5.75 -32.12 25.46
N GLU C 178 -6.92 -31.53 25.54
CA GLU C 178 -7.70 -31.43 26.75
C GLU C 178 -9.17 -31.24 26.38
N ALA C 179 -10.09 -31.56 27.30
CA ALA C 179 -11.51 -31.40 27.07
C ALA C 179 -11.91 -29.94 27.32
N PRO C 180 -13.09 -29.53 26.81
CA PRO C 180 -13.54 -28.16 27.10
C PRO C 180 -13.67 -27.89 28.60
N ARG C 181 -13.47 -26.63 28.97
CA ARG C 181 -13.57 -26.04 30.29
C ARG C 181 -12.39 -26.39 31.20
N ARG C 182 -11.45 -27.24 30.78
CA ARG C 182 -10.30 -27.57 31.61
C ARG C 182 -9.13 -26.61 31.32
N ARG C 183 -8.14 -26.57 32.21
CA ARG C 183 -7.00 -25.70 32.03
C ARG C 183 -5.92 -26.47 31.31
N VAL C 184 -5.40 -25.88 30.24
CA VAL C 184 -4.32 -26.51 29.49
C VAL C 184 -3.11 -25.60 29.63
N THR C 185 -1.91 -26.19 29.70
CA THR C 185 -0.70 -25.38 29.71
C THR C 185 0.22 -25.88 28.60
N ILE C 186 0.96 -24.94 27.97
CA ILE C 186 1.92 -25.25 26.92
C ILE C 186 3.29 -24.75 27.33
N TYR C 187 4.26 -25.67 27.53
CA TYR C 187 5.60 -25.26 27.95
C TYR C 187 6.42 -24.77 26.78
N CYS C 188 7.43 -23.97 27.10
CA CYS C 188 8.36 -23.45 26.13
C CYS C 188 9.67 -23.43 26.89
N SER C 189 10.52 -24.39 26.60
CA SER C 189 11.73 -24.59 27.35
C SER C 189 12.94 -24.05 26.59
N GLY C 190 13.69 -23.17 27.22
CA GLY C 190 14.84 -22.56 26.57
C GLY C 190 16.07 -22.59 27.42
N SER C 191 16.87 -21.56 27.29
CA SER C 191 18.11 -21.45 28.03
C SER C 191 18.32 -20.01 28.51
N SER C 192 19.40 -19.79 29.23
CA SER C 192 19.76 -18.49 29.77
C SER C 192 19.92 -17.40 28.68
N SER C 193 20.40 -17.79 27.49
CA SER C 193 20.61 -16.80 26.42
C SER C 193 19.30 -16.32 25.74
N ASN C 194 18.19 -17.06 25.90
CA ASN C 194 16.94 -16.62 25.29
C ASN C 194 15.92 -16.31 26.39
N ILE C 195 15.08 -17.27 26.77
CA ILE C 195 14.07 -17.08 27.78
C ILE C 195 14.62 -16.53 29.10
N GLY C 196 15.77 -17.00 29.52
CA GLY C 196 16.39 -16.54 30.76
C GLY C 196 16.64 -15.05 30.84
N ASN C 197 16.99 -14.42 29.71
CA ASN C 197 17.34 -12.98 29.72
C ASN C 197 16.45 -12.11 28.86
N ASN C 198 15.46 -12.68 28.16
CA ASN C 198 14.69 -11.90 27.18
C ASN C 198 13.22 -12.16 27.28
N ALA C 199 12.42 -11.19 26.86
CA ALA C 199 10.96 -11.23 26.93
C ALA C 199 10.42 -12.30 25.97
N VAL C 200 9.45 -13.09 26.46
CA VAL C 200 8.81 -14.13 25.67
C VAL C 200 7.51 -13.62 25.08
N SER C 201 7.23 -13.98 23.81
CA SER C 201 5.94 -13.71 23.24
C SER C 201 5.29 -15.05 22.76
N TRP C 202 3.99 -15.07 22.70
CA TRP C 202 3.22 -16.23 22.29
C TRP C 202 2.30 -15.84 21.13
N TYR C 203 2.20 -16.73 20.13
CA TYR C 203 1.37 -16.52 18.96
C TYR C 203 0.42 -17.67 18.77
N GLN C 204 -0.76 -17.37 18.23
CA GLN C 204 -1.76 -18.37 17.91
C GLN C 204 -1.91 -18.35 16.40
N GLN C 205 -1.93 -19.49 15.77
CA GLN C 205 -2.12 -19.57 14.31
C GLN C 205 -3.23 -20.57 13.96
N LEU C 206 -4.34 -20.07 13.40
CA LEU C 206 -5.45 -20.94 13.01
C LEU C 206 -5.17 -21.44 11.60
N PRO C 207 -5.86 -22.53 11.17
CA PRO C 207 -5.59 -23.08 9.83
C PRO C 207 -5.81 -22.10 8.71
N GLY C 208 -4.79 -21.96 7.86
CA GLY C 208 -4.86 -21.08 6.72
C GLY C 208 -4.85 -19.60 7.04
N LYS C 209 -4.44 -19.23 8.27
CA LYS C 209 -4.40 -17.82 8.69
C LYS C 209 -3.02 -17.45 9.11
N SER C 210 -2.77 -16.13 9.21
CA SER C 210 -1.49 -15.62 9.66
C SER C 210 -1.46 -15.76 11.20
N PRO C 211 -0.26 -15.86 11.77
CA PRO C 211 -0.18 -15.90 13.26
C PRO C 211 -0.71 -14.60 13.86
N LYS C 212 -1.12 -14.66 15.13
CA LYS C 212 -1.64 -13.53 15.87
C LYS C 212 -0.92 -13.46 17.23
N LEU C 213 -0.47 -12.28 17.64
CA LEU C 213 0.20 -12.13 18.93
C LEU C 213 -0.83 -12.25 20.06
N LEU C 214 -0.56 -13.09 21.05
CA LEU C 214 -1.46 -13.21 22.22
C LEU C 214 -0.85 -12.56 23.46
N ILE C 215 0.43 -12.86 23.72
CA ILE C 215 1.16 -12.45 24.91
C ILE C 215 2.52 -11.88 24.51
N TYR C 216 2.99 -10.85 25.21
CA TYR C 216 4.32 -10.29 24.95
C TYR C 216 4.88 -9.76 26.28
N PHE C 217 6.21 -9.50 26.36
CA PHE C 217 6.82 -9.09 27.63
C PHE C 217 6.57 -10.17 28.72
N ASP C 218 6.60 -11.46 28.28
CA ASP C 218 6.37 -12.65 29.11
C ASP C 218 4.92 -12.88 29.53
N ASP C 219 4.22 -11.82 29.96
CA ASP C 219 2.90 -11.99 30.55
C ASP C 219 1.88 -10.88 30.26
N LEU C 220 2.15 -9.95 29.35
CA LEU C 220 1.16 -8.93 28.99
C LEU C 220 0.28 -9.51 27.91
N VAL C 221 -1.01 -9.30 28.03
CA VAL C 221 -1.97 -9.82 27.07
C VAL C 221 -2.29 -8.73 26.07
N THR C 222 -2.28 -9.10 24.80
CA THR C 222 -2.63 -8.21 23.71
C THR C 222 -4.08 -7.69 23.91
N SER C 223 -4.32 -6.39 23.64
CA SER C 223 -5.63 -5.78 23.74
C SER C 223 -6.68 -6.57 22.93
N GLY C 224 -7.79 -6.92 23.55
CA GLY C 224 -8.84 -7.68 22.88
C GLY C 224 -8.72 -9.19 23.02
N VAL C 225 -7.54 -9.68 23.42
CA VAL C 225 -7.35 -11.11 23.64
C VAL C 225 -7.95 -11.45 25.00
N SER C 226 -8.69 -12.54 25.04
CA SER C 226 -9.40 -13.03 26.21
C SER C 226 -8.48 -13.20 27.41
N ASP C 227 -9.04 -12.93 28.61
CA ASP C 227 -8.29 -13.13 29.87
C ASP C 227 -8.10 -14.62 30.26
N ARG C 228 -8.71 -15.56 29.48
CA ARG C 228 -8.45 -16.98 29.67
C ARG C 228 -6.96 -17.30 29.29
N PHE C 229 -6.31 -16.46 28.44
CA PHE C 229 -4.92 -16.68 28.04
C PHE C 229 -4.05 -15.94 29.00
N SER C 230 -3.05 -16.63 29.56
CA SER C 230 -2.09 -15.97 30.42
C SER C 230 -0.70 -16.54 30.20
N GLY C 231 0.31 -15.72 30.33
CA GLY C 231 1.68 -16.16 30.15
C GLY C 231 2.47 -16.04 31.43
N SER C 232 3.48 -16.88 31.58
CA SER C 232 4.38 -16.80 32.73
C SER C 232 5.77 -17.22 32.31
N LYS C 233 6.75 -16.79 33.07
CA LYS C 233 8.14 -17.12 32.79
C LYS C 233 8.83 -17.30 34.14
N SER C 234 9.54 -18.41 34.31
CA SER C 234 10.33 -18.63 35.51
C SER C 234 11.63 -19.30 35.08
N GLY C 235 12.74 -18.66 35.38
CA GLY C 235 14.04 -19.21 35.02
C GLY C 235 14.21 -19.23 33.52
N THR C 236 14.48 -20.42 32.96
CA THR C 236 14.66 -20.54 31.50
C THR C 236 13.46 -21.19 30.78
N SER C 237 12.32 -21.30 31.44
CA SER C 237 11.12 -21.87 30.83
C SER C 237 9.97 -20.89 30.88
N ALA C 238 9.11 -20.94 29.87
CA ALA C 238 7.93 -20.10 29.80
C ALA C 238 6.71 -21.01 29.64
N SER C 239 5.55 -20.46 29.94
CA SER C 239 4.33 -21.24 29.86
C SER C 239 3.16 -20.39 29.43
N LEU C 240 2.31 -20.95 28.56
CA LEU C 240 1.09 -20.32 28.12
C LEU C 240 -0.04 -21.16 28.73
N ALA C 241 -0.90 -20.52 29.51
CA ALA C 241 -1.99 -21.24 30.15
C ALA C 241 -3.26 -20.75 29.57
N ILE C 242 -4.16 -21.67 29.27
CA ILE C 242 -5.47 -21.32 28.74
C ILE C 242 -6.47 -21.96 29.69
N SER C 243 -7.09 -21.12 30.49
CA SER C 243 -8.10 -21.57 31.42
C SER C 243 -9.43 -21.69 30.62
N GLY C 244 -10.34 -22.52 31.10
CA GLY C 244 -11.64 -22.70 30.47
C GLY C 244 -11.61 -22.99 28.98
N LEU C 245 -10.81 -24.00 28.55
CA LEU C 245 -10.64 -24.37 27.13
C LEU C 245 -11.91 -24.37 26.32
N GLN C 246 -11.89 -23.72 25.16
CA GLN C 246 -13.03 -23.64 24.25
C GLN C 246 -12.66 -24.24 22.90
N SER C 247 -13.66 -24.72 22.12
CA SER C 247 -13.39 -25.28 20.79
C SER C 247 -12.61 -24.34 19.87
N GLU C 248 -12.86 -23.02 19.96
CA GLU C 248 -12.19 -21.97 19.17
C GLU C 248 -10.69 -21.83 19.46
N ASP C 249 -10.22 -22.42 20.60
CA ASP C 249 -8.81 -22.40 20.97
C ASP C 249 -7.96 -23.36 20.12
N GLU C 250 -8.58 -24.29 19.40
CA GLU C 250 -7.88 -25.25 18.56
C GLU C 250 -7.04 -24.52 17.50
N ALA C 251 -5.72 -24.65 17.61
CA ALA C 251 -4.79 -23.87 16.76
C ALA C 251 -3.35 -24.37 17.05
N ASP C 252 -2.35 -23.86 16.31
CA ASP C 252 -0.95 -24.07 16.61
C ASP C 252 -0.53 -22.87 17.44
N TYR C 253 0.23 -23.09 18.50
CA TYR C 253 0.71 -22.04 19.36
C TYR C 253 2.21 -22.01 19.32
N TYR C 254 2.80 -20.82 19.19
CA TYR C 254 4.26 -20.70 19.17
C TYR C 254 4.78 -19.73 20.20
N CYS C 255 5.90 -20.05 20.84
CA CYS C 255 6.59 -19.09 21.69
C CYS C 255 7.81 -18.55 20.93
N ALA C 256 8.30 -17.38 21.34
CA ALA C 256 9.48 -16.78 20.71
C ALA C 256 10.20 -15.89 21.68
N ALA C 257 11.49 -15.70 21.47
CA ALA C 257 12.26 -14.78 22.26
C ALA C 257 13.53 -14.42 21.49
N TRP C 258 14.14 -13.30 21.83
CA TRP C 258 15.46 -12.95 21.32
C TRP C 258 16.45 -13.89 22.00
N ASP C 259 17.55 -14.26 21.31
CA ASP C 259 18.60 -15.10 21.86
C ASP C 259 19.91 -14.35 21.73
N ASP C 260 20.55 -14.03 22.86
CA ASP C 260 21.80 -13.28 22.84
C ASP C 260 22.96 -14.03 22.20
N ARG C 261 22.98 -15.38 22.29
CA ARG C 261 24.03 -16.26 21.76
C ARG C 261 23.95 -16.35 20.22
N LEU C 262 22.73 -16.54 19.69
CA LEU C 262 22.48 -16.63 18.26
C LEU C 262 22.33 -15.25 17.60
N ASN C 263 22.16 -14.18 18.41
CA ASN C 263 22.02 -12.82 17.94
C ASN C 263 20.80 -12.72 17.00
N GLY C 264 19.68 -13.24 17.47
CA GLY C 264 18.46 -13.24 16.67
C GLY C 264 17.28 -13.80 17.42
N VAL C 265 16.10 -13.77 16.82
CA VAL C 265 14.88 -14.29 17.42
C VAL C 265 14.83 -15.78 17.18
N VAL C 266 14.44 -16.54 18.22
CA VAL C 266 14.25 -17.97 18.08
C VAL C 266 12.77 -18.25 18.38
N PHE C 267 12.20 -19.22 17.67
CA PHE C 267 10.83 -19.63 17.90
C PHE C 267 10.85 -21.07 18.38
N GLY C 268 9.83 -21.43 19.15
CA GLY C 268 9.63 -22.83 19.49
C GLY C 268 9.08 -23.53 18.26
N GLY C 269 9.09 -24.87 18.30
CA GLY C 269 8.62 -25.68 17.19
C GLY C 269 7.12 -25.71 17.02
N GLY C 270 6.39 -25.11 17.95
CA GLY C 270 4.94 -25.04 17.86
C GLY C 270 4.25 -26.17 18.58
N THR C 271 3.03 -25.90 19.02
CA THR C 271 2.21 -26.91 19.69
C THR C 271 0.86 -26.92 19.04
N LYS C 272 0.40 -28.08 18.57
CA LYS C 272 -0.93 -28.23 18.05
C LYS C 272 -1.86 -28.55 19.21
N LEU C 273 -2.81 -27.62 19.52
CA LEU C 273 -3.76 -27.83 20.59
C LEU C 273 -5.04 -28.39 20.02
N THR C 274 -5.47 -29.56 20.52
CA THR C 274 -6.75 -30.16 20.11
C THR C 274 -7.71 -30.11 21.30
N VAL C 275 -8.96 -29.74 21.05
CA VAL C 275 -9.97 -29.70 22.09
C VAL C 275 -10.84 -30.94 21.87
N LEU C 276 -10.90 -31.83 22.85
CA LEU C 276 -11.65 -33.09 22.69
C LEU C 276 -13.15 -32.88 22.53
N SER D 5 33.87 -2.14 23.45
CA SER D 5 34.57 -0.95 23.91
C SER D 5 33.63 0.01 24.65
N TYR D 6 34.16 0.88 25.53
CA TYR D 6 33.29 1.81 26.27
C TYR D 6 32.48 2.74 25.35
N GLN D 7 33.06 3.23 24.22
CA GLN D 7 32.31 4.09 23.29
C GLN D 7 31.11 3.35 22.73
N ASP D 8 31.29 2.06 22.43
CA ASP D 8 30.28 1.20 21.87
C ASP D 8 29.22 0.89 22.90
N VAL D 9 29.62 0.63 24.16
CA VAL D 9 28.70 0.36 25.27
C VAL D 9 27.77 1.56 25.48
N CYS D 10 28.35 2.76 25.52
CA CYS D 10 27.59 3.99 25.67
C CYS D 10 26.59 4.20 24.52
N ARG D 11 27.07 4.06 23.28
CA ARG D 11 26.21 4.23 22.12
C ARG D 11 25.05 3.22 22.11
N LYS D 12 25.35 1.92 22.34
CA LYS D 12 24.34 0.87 22.36
C LYS D 12 23.30 1.09 23.49
N ALA D 13 23.75 1.57 24.65
CA ALA D 13 22.83 1.84 25.76
C ALA D 13 21.88 2.99 25.40
N LYS D 14 22.42 4.07 24.78
CA LYS D 14 21.59 5.21 24.36
C LYS D 14 20.60 4.78 23.28
N GLU D 15 21.05 3.89 22.37
CA GLU D 15 20.19 3.36 21.32
C GLU D 15 19.07 2.48 21.89
N LYS D 16 19.39 1.68 22.91
CA LYS D 16 18.38 0.83 23.55
C LYS D 16 17.36 1.67 24.28
N LEU D 17 17.80 2.76 24.94
CA LEU D 17 16.88 3.64 25.63
C LEU D 17 15.95 4.37 24.62
N ASP D 18 16.49 4.78 23.47
CA ASP D 18 15.71 5.43 22.40
C ASP D 18 14.62 4.45 21.87
N LYS D 19 14.97 3.17 21.74
CA LYS D 19 14.08 2.10 21.29
C LYS D 19 12.91 1.94 22.28
N ILE D 20 13.23 1.89 23.58
CA ILE D 20 12.23 1.79 24.64
C ILE D 20 11.37 3.07 24.67
N GLU D 21 11.99 4.26 24.47
CA GLU D 21 11.24 5.51 24.46
C GLU D 21 10.28 5.55 23.29
N MET D 22 10.71 5.07 22.10
CA MET D 22 9.82 5.03 20.96
C MET D 22 8.67 4.06 21.20
N ASP D 23 8.93 2.94 21.89
CA ASP D 23 7.88 1.98 22.26
C ASP D 23 6.84 2.69 23.14
N ALA D 24 7.29 3.48 24.12
CA ALA D 24 6.37 4.19 25.01
C ALA D 24 5.58 5.25 24.22
N LYS D 25 6.24 5.95 23.30
CA LYS D 25 5.58 6.95 22.45
C LYS D 25 4.52 6.33 21.54
N ASN D 26 4.85 5.21 20.89
CA ASN D 26 3.87 4.51 20.03
C ASN D 26 2.72 3.96 20.87
N TYR D 27 3.02 3.48 22.08
CA TYR D 27 2.00 2.99 22.97
C TYR D 27 1.01 4.09 23.34
N GLU D 28 1.52 5.29 23.67
CA GLU D 28 0.66 6.41 24.00
C GLU D 28 -0.16 6.86 22.79
N THR D 29 0.45 6.89 21.60
CA THR D 29 -0.26 7.25 20.37
C THR D 29 -1.43 6.29 20.10
N ASN D 30 -1.22 4.98 20.29
CA ASN D 30 -2.25 3.98 20.07
C ASN D 30 -3.39 4.04 21.12
N LEU D 31 -3.20 4.76 22.25
CA LEU D 31 -4.28 4.93 23.22
C LEU D 31 -5.39 5.92 22.72
N LYS D 32 -5.18 6.60 21.57
CA LYS D 32 -6.15 7.54 21.00
C LYS D 32 -7.53 6.91 20.77
N THR D 41 -17.86 2.26 29.60
CA THR D 41 -18.11 1.42 30.76
C THR D 41 -16.93 1.47 31.75
N GLU D 42 -17.21 1.64 33.05
CA GLU D 42 -16.16 1.70 34.07
C GLU D 42 -15.44 0.35 34.26
N GLU D 43 -16.03 -0.77 33.79
CA GLU D 43 -15.37 -2.07 33.83
C GLU D 43 -14.18 -2.02 32.85
N TYR D 44 -14.41 -1.53 31.61
CA TYR D 44 -13.38 -1.37 30.61
C TYR D 44 -12.36 -0.35 31.07
N ARG D 45 -12.79 0.79 31.62
CA ARG D 45 -11.86 1.82 32.04
C ARG D 45 -10.92 1.34 33.15
N LYS D 46 -11.46 0.59 34.13
CA LYS D 46 -10.64 0.05 35.21
C LYS D 46 -9.67 -1.02 34.69
N LYS D 47 -10.12 -1.85 33.75
CA LYS D 47 -9.26 -2.87 33.15
C LYS D 47 -8.17 -2.25 32.29
N LYS D 48 -8.50 -1.20 31.55
CA LYS D 48 -7.55 -0.52 30.68
C LYS D 48 -6.51 0.22 31.51
N LYS D 49 -6.91 0.82 32.64
CA LYS D 49 -5.96 1.51 33.52
C LYS D 49 -4.90 0.54 34.05
N ILE D 50 -5.34 -0.67 34.44
CA ILE D 50 -4.46 -1.72 34.94
C ILE D 50 -3.49 -2.17 33.84
N ALA D 51 -4.00 -2.34 32.61
CA ALA D 51 -3.20 -2.78 31.45
C ALA D 51 -2.12 -1.76 31.12
N ILE D 52 -2.47 -0.46 31.18
CA ILE D 52 -1.55 0.65 30.91
C ILE D 52 -0.44 0.66 31.94
N GLU D 53 -0.80 0.52 33.21
CA GLU D 53 0.16 0.47 34.32
C GLU D 53 1.11 -0.71 34.17
N ALA D 54 0.57 -1.89 33.81
CA ALA D 54 1.37 -3.09 33.62
C ALA D 54 2.36 -2.87 32.46
N PHE D 55 1.91 -2.30 31.33
CA PHE D 55 2.77 -2.05 30.19
C PHE D 55 3.88 -1.04 30.56
N LEU D 56 3.53 0.06 31.21
CA LEU D 56 4.52 1.09 31.56
C LEU D 56 5.52 0.58 32.62
N LYS D 57 5.09 -0.36 33.48
CA LYS D 57 6.00 -0.96 34.45
C LYS D 57 7.06 -1.80 33.71
N LYS D 58 6.66 -2.54 32.64
CA LYS D 58 7.60 -3.35 31.86
C LYS D 58 8.64 -2.47 31.18
N ILE D 59 8.20 -1.34 30.60
CA ILE D 59 9.04 -0.37 29.90
C ILE D 59 10.03 0.26 30.90
N GLU D 60 9.54 0.64 32.09
CA GLU D 60 10.41 1.22 33.11
C GLU D 60 11.46 0.22 33.59
N GLU D 61 11.07 -1.03 33.78
CA GLU D 61 11.97 -2.09 34.21
C GLU D 61 13.05 -2.31 33.11
N ALA D 62 12.63 -2.29 31.84
CA ALA D 62 13.57 -2.50 30.74
C ALA D 62 14.61 -1.39 30.68
N ALA D 63 14.18 -0.14 30.84
CA ALA D 63 15.07 1.01 30.79
C ALA D 63 16.02 0.97 31.98
N ASP D 64 15.50 0.61 33.18
CA ASP D 64 16.31 0.53 34.39
C ASP D 64 17.41 -0.50 34.21
N LYS D 65 17.08 -1.65 33.61
CA LYS D 65 18.03 -2.72 33.35
C LYS D 65 19.13 -2.25 32.37
N VAL D 66 18.77 -1.50 31.31
CA VAL D 66 19.74 -0.98 30.35
C VAL D 66 20.75 -0.06 31.06
N ALA D 67 20.25 0.88 31.88
CA ALA D 67 21.10 1.81 32.59
C ALA D 67 21.97 1.12 33.62
N ARG D 68 21.42 0.15 34.31
CA ARG D 68 22.14 -0.57 35.36
C ARG D 68 23.29 -1.40 34.77
N GLU D 69 23.02 -2.15 33.69
CA GLU D 69 24.04 -2.97 33.01
C GLU D 69 25.10 -2.11 32.29
N ALA D 70 24.72 -0.93 31.75
CA ALA D 70 25.68 -0.05 31.11
C ALA D 70 26.63 0.49 32.15
N LYS D 71 26.11 0.91 33.32
CA LYS D 71 26.94 1.42 34.41
C LYS D 71 27.92 0.35 34.89
N GLN D 72 27.43 -0.91 35.03
CA GLN D 72 28.25 -2.04 35.47
C GLN D 72 29.34 -2.37 34.47
N ARG D 73 29.01 -2.39 33.16
CA ARG D 73 29.97 -2.68 32.10
C ARG D 73 31.01 -1.57 31.93
N LEU D 74 30.59 -0.31 32.12
CA LEU D 74 31.50 0.82 32.03
C LEU D 74 32.48 0.87 33.20
N ASP D 75 32.04 0.41 34.38
CA ASP D 75 32.84 0.34 35.59
C ASP D 75 33.96 -0.69 35.44
N GLU D 76 33.71 -1.79 34.70
CA GLU D 76 34.73 -2.82 34.55
C GLU D 76 35.65 -2.54 33.38
N LEU D 77 35.12 -1.90 32.32
CA LEU D 77 35.92 -1.53 31.15
C LEU D 77 36.98 -0.50 31.51
N GLU D 78 36.68 0.43 32.44
CA GLU D 78 37.64 1.45 32.83
C GLU D 78 38.80 0.89 33.68
N LYS D 79 38.61 -0.25 34.33
CA LYS D 79 39.65 -0.87 35.13
C LYS D 79 40.66 -1.59 34.24
N LYS D 80 40.16 -2.35 33.25
CA LYS D 80 41.01 -3.12 32.36
C LYS D 80 41.69 -2.28 31.27
N ASN D 81 40.94 -1.35 30.66
CA ASN D 81 41.46 -0.54 29.57
C ASN D 81 41.84 0.88 29.98
N GLN D 82 42.67 1.55 29.16
CA GLN D 82 43.06 2.92 29.43
C GLN D 82 42.08 3.86 28.76
N VAL D 83 40.91 4.01 29.36
CA VAL D 83 39.84 4.87 28.86
C VAL D 83 40.18 6.35 29.05
N ASP D 84 39.47 7.24 28.34
CA ASP D 84 39.68 8.69 28.42
C ASP D 84 39.42 9.23 29.83
N LYS D 85 38.51 8.59 30.59
CA LYS D 85 38.08 8.94 31.95
C LYS D 85 37.11 10.11 31.95
N GLU D 86 37.46 11.23 31.29
CA GLU D 86 36.59 12.40 31.18
C GLU D 86 35.49 12.13 30.15
N GLU D 87 35.84 11.54 29.00
CA GLU D 87 34.83 11.19 27.99
C GLU D 87 33.97 10.00 28.47
N LEU D 88 34.55 9.10 29.29
CA LEU D 88 33.87 7.95 29.87
C LEU D 88 32.86 8.48 30.91
N GLU D 89 33.29 9.42 31.76
CA GLU D 89 32.41 9.99 32.78
C GLU D 89 31.27 10.78 32.16
N LYS D 90 31.53 11.47 31.03
CA LYS D 90 30.52 12.22 30.30
C LYS D 90 29.42 11.27 29.82
N CYS D 91 29.82 10.09 29.31
CA CYS D 91 28.90 9.06 28.85
C CYS D 91 27.96 8.62 29.96
N LYS D 92 28.49 8.25 31.14
CA LYS D 92 27.67 7.78 32.26
C LYS D 92 26.59 8.79 32.64
N GLU D 93 26.94 10.09 32.65
CA GLU D 93 25.98 11.15 32.97
C GLU D 93 24.90 11.21 31.88
N GLU D 94 25.30 11.10 30.60
CA GLU D 94 24.39 11.10 29.46
C GLU D 94 23.41 9.93 29.54
N VAL D 95 23.91 8.74 29.90
CA VAL D 95 23.07 7.54 29.99
C VAL D 95 22.13 7.65 31.18
N GLU D 96 22.61 8.19 32.32
CA GLU D 96 21.78 8.37 33.50
C GLU D 96 20.70 9.42 33.23
N LYS D 97 21.06 10.51 32.54
CA LYS D 97 20.13 11.59 32.16
C LYS D 97 19.07 11.05 31.22
N ARG D 98 19.47 10.20 30.25
CA ARG D 98 18.52 9.62 29.30
C ARG D 98 17.53 8.73 30.04
N ALA D 99 18.01 7.93 30.98
CA ALA D 99 17.17 7.08 31.83
C ALA D 99 16.24 7.94 32.70
N ARG D 100 16.73 9.03 33.26
CA ARG D 100 15.93 9.93 34.10
C ARG D 100 14.82 10.58 33.27
N GLU D 101 15.14 10.98 32.02
CA GLU D 101 14.14 11.57 31.12
C GLU D 101 13.08 10.53 30.74
N LEU D 102 13.52 9.29 30.50
CA LEU D 102 12.60 8.21 30.14
C LEU D 102 11.59 7.95 31.26
N ARG D 103 12.07 7.92 32.51
CA ARG D 103 11.21 7.72 33.68
C ARG D 103 10.18 8.85 33.78
N ARG D 104 10.59 10.09 33.50
CA ARG D 104 9.71 11.26 33.52
C ARG D 104 8.61 11.13 32.47
N ARG D 105 8.97 10.72 31.24
CA ARG D 105 7.99 10.54 30.17
C ARG D 105 7.00 9.41 30.49
N ILE D 106 7.48 8.26 31.01
CA ILE D 106 6.61 7.14 31.37
C ILE D 106 5.55 7.57 32.40
N ARG D 107 5.95 8.33 33.44
CA ARG D 107 5.01 8.83 34.43
C ARG D 107 3.99 9.79 33.81
N GLU D 108 4.43 10.64 32.88
CA GLU D 108 3.54 11.57 32.20
C GLU D 108 2.53 10.88 31.28
N ILE D 109 2.91 9.74 30.67
CA ILE D 109 1.96 8.98 29.85
C ILE D 109 0.87 8.42 30.76
N LEU D 110 1.28 7.85 31.91
CA LEU D 110 0.35 7.31 32.88
C LEU D 110 -0.58 8.39 33.42
N GLU D 111 -0.05 9.59 33.69
CA GLU D 111 -0.87 10.70 34.17
C GLU D 111 -1.94 11.08 33.14
N ARG D 112 -1.56 11.15 31.86
CA ARG D 112 -2.50 11.51 30.80
C ARG D 112 -3.51 10.42 30.51
N ALA D 113 -3.10 9.15 30.56
CA ALA D 113 -3.99 8.02 30.33
C ALA D 113 -5.08 7.97 31.37
N LYS D 114 -4.73 8.24 32.65
CA LYS D 114 -5.70 8.28 33.74
C LYS D 114 -6.74 9.39 33.50
N LYS D 115 -6.33 10.51 32.88
CA LYS D 115 -7.22 11.61 32.56
C LYS D 115 -8.13 11.27 31.38
#